data_9JJB
#
_entry.id   9JJB
#
_cell.length_a   1.00
_cell.length_b   1.00
_cell.length_c   1.00
_cell.angle_alpha   90.00
_cell.angle_beta   90.00
_cell.angle_gamma   90.00
#
_symmetry.space_group_name_H-M   'P 1'
#
loop_
_entity.id
_entity.type
_entity.pdbx_description
1 polymer 'Polyketide synthase GfsA'
2 polymer 'Polyketide synthase'
3 non-polymer N-[2-(acetylamino)ethyl]-N~3~-[(2R)-2-hydroxy-3,3-dimethyl-4-(phosphonooxy)butanoyl]-beta-alaninamide
#
loop_
_entity_poly.entity_id
_entity_poly.type
_entity_poly.pdbx_seq_one_letter_code
_entity_poly.pdbx_strand_id
1 'polypeptide(L)'
;HMGRSQNSEFETASDEPIAVIGLSCRLPKASGPQELWQLLDDGASAVTRVPADRETPPSTEEESADGEAAGARWGGFLDR
VDTFDAGFFGISPREAAAMDPQQRLVLELSWEALEGAGLVPATLRDTGLGVFVGAARDDYATLYRRREGRAVDHHAMTGL
HRSLIANRISYALGAHGPSMVVDTGCSSSLVAVHLACESLRRGESDIALAGGVNLNIAAESARETAAFGGLSPDGQCFTF
DARANGFVRGEGGGLVVLKTLRRALADGDLVHGVILASAVNNDGPSDTLTTPSRRAQESLLTRVYRRAGVTPTEVGYVEL
HGTGTKVGDPIEAAALGAVLGTGRDTPLPVGSIKTNIGHLEGAAGIAGLIKALLQLRRRRLVPSLNFSTPNPDIPLDALN
LRVQQESAPWATPSGGGRTLVAGVSSFGMGGTNCHVVVSAAPVPEDGETTSEAGATGPDSGPALLPWVVSARSPQALRDQ
AGRLAAWADSPAGREASPVDIGWSLATSRTHFEYRAVVSGSDRDELVASLRALASGSPVTAAGAVDGRAEPVALLSAVGE
LFADGYPVDWTAYFAGWPAARVELPTYAFQRSRHWLENVPELAVS
;
A,B
2 'polypeptide(L)'
;HMPREPVTPDSDHPDPVETVRQLTAHVLGLTAAADVEMTRSFKDLGFDSLMSVELRDRLCAATGLSLATTLLYDHPSPAE
TAEFVRARLTGDEA
;
C,D
#
loop_
_chem_comp.id
_chem_comp.type
_chem_comp.name
_chem_comp.formula
9EF non-polymer N-[2-(acetylamino)ethyl]-N~3~-[(2R)-2-hydroxy-3,3-dimethyl-4-(phosphonooxy)butanoyl]-beta-alaninamide 'C13 H26 N3 O8 P'
#
# COMPACT_ATOMS: atom_id res chain seq x y z
N GLU A 16 17.13 -5.16 -16.23
CA GLU A 16 16.55 -4.84 -17.53
C GLU A 16 16.02 -3.41 -17.56
N PRO A 17 16.43 -2.64 -18.56
CA PRO A 17 15.98 -1.25 -18.66
C PRO A 17 14.48 -1.16 -18.92
N ILE A 18 13.89 -0.07 -18.43
CA ILE A 18 12.47 0.19 -18.58
C ILE A 18 12.29 1.50 -19.36
N ALA A 19 11.40 1.49 -20.34
CA ALA A 19 11.20 2.64 -21.21
C ALA A 19 9.94 3.39 -20.78
N VAL A 20 10.05 4.72 -20.69
CA VAL A 20 8.91 5.57 -20.38
C VAL A 20 8.39 6.16 -21.67
N ILE A 21 7.09 5.98 -21.93
CA ILE A 21 6.48 6.38 -23.19
C ILE A 21 5.49 7.53 -23.02
N GLY A 22 5.23 7.97 -21.80
CA GLY A 22 4.31 9.07 -21.60
C GLY A 22 4.17 9.39 -20.13
N LEU A 23 3.69 10.61 -19.88
CA LEU A 23 3.52 11.08 -18.51
C LEU A 23 2.44 12.16 -18.49
N SER A 24 1.88 12.37 -17.31
CA SER A 24 0.90 13.42 -17.08
C SER A 24 1.04 13.91 -15.65
N CYS A 25 0.70 15.17 -15.42
CA CYS A 25 0.88 15.77 -14.10
C CYS A 25 -0.17 16.85 -13.90
N ARG A 26 -0.42 17.15 -12.62
CA ARG A 26 -1.31 18.24 -12.23
C ARG A 26 -0.68 18.88 -11.00
N LEU A 27 -0.12 20.07 -11.18
CA LEU A 27 0.63 20.77 -10.15
C LEU A 27 0.14 22.22 -10.08
N PRO A 28 0.36 22.90 -8.95
CA PRO A 28 -0.04 24.30 -8.86
C PRO A 28 0.60 25.15 -9.95
N LYS A 29 -0.24 25.91 -10.65
CA LYS A 29 0.17 26.76 -11.77
C LYS A 29 0.83 25.97 -12.90
N ALA A 30 0.56 24.65 -12.97
CA ALA A 30 1.13 23.81 -14.01
C ALA A 30 0.16 22.67 -14.26
N SER A 31 -0.68 22.81 -15.29
CA SER A 31 -1.67 21.79 -15.63
C SER A 31 -1.15 20.78 -16.66
N GLY A 32 0.10 20.90 -17.09
CA GLY A 32 0.66 19.99 -18.05
C GLY A 32 2.18 20.03 -18.06
N PRO A 33 2.81 19.08 -18.75
CA PRO A 33 4.27 19.09 -18.84
C PRO A 33 4.83 20.37 -19.43
N GLN A 34 4.18 20.92 -20.45
CA GLN A 34 4.63 22.18 -21.03
C GLN A 34 4.51 23.33 -20.04
N GLU A 35 3.40 23.39 -19.31
CA GLU A 35 3.23 24.43 -18.30
C GLU A 35 4.25 24.27 -17.18
N LEU A 36 4.52 23.03 -16.76
CA LEU A 36 5.53 22.80 -15.73
C LEU A 36 6.91 23.22 -16.20
N TRP A 37 7.27 22.91 -17.44
CA TRP A 37 8.56 23.32 -17.97
C TRP A 37 8.65 24.85 -18.07
N GLN A 38 7.57 25.50 -18.49
CA GLN A 38 7.56 26.96 -18.54
C GLN A 38 7.73 27.56 -17.16
N LEU A 39 7.06 27.00 -16.15
CA LEU A 39 7.19 27.51 -14.78
C LEU A 39 8.60 27.30 -14.24
N LEU A 40 9.19 26.13 -14.49
CA LEU A 40 10.53 25.85 -13.96
C LEU A 40 11.58 26.68 -14.66
N ASP A 41 11.50 26.81 -15.98
CA ASP A 41 12.50 27.57 -16.73
C ASP A 41 12.47 29.05 -16.35
N ASP A 42 11.27 29.61 -16.16
CA ASP A 42 11.14 31.01 -15.79
C ASP A 42 11.59 31.30 -14.37
N GLY A 43 11.83 30.28 -13.56
CA GLY A 43 12.25 30.48 -12.18
C GLY A 43 11.19 31.12 -11.31
N ALA A 44 9.93 30.73 -11.49
CA ALA A 44 8.83 31.26 -10.70
C ALA A 44 8.41 30.27 -9.62
N SER A 45 7.75 30.79 -8.59
CA SER A 45 7.30 30.00 -7.46
C SER A 45 5.77 30.01 -7.44
N ALA A 46 5.17 28.83 -7.32
CA ALA A 46 3.72 28.69 -7.28
C ALA A 46 3.16 28.72 -5.87
N VAL A 47 4.00 28.91 -4.85
CA VAL A 47 3.55 28.94 -3.46
C VAL A 47 2.91 30.30 -3.20
N THR A 48 1.59 30.32 -3.03
CA THR A 48 0.88 31.57 -2.74
C THR A 48 0.15 31.47 -1.42
N ARG A 49 -0.64 32.49 -1.08
CA ARG A 49 -1.41 32.49 0.15
C ARG A 49 -2.61 31.55 0.03
N VAL A 50 -3.19 31.23 1.19
CA VAL A 50 -4.35 30.35 1.25
C VAL A 50 -5.57 31.09 0.68
N PRO A 51 -6.25 30.52 -0.32
CA PRO A 51 -7.43 31.16 -0.92
C PRO A 51 -8.70 30.95 -0.09
N TRP A 74 0.02 29.78 3.35
CA TRP A 74 1.22 29.61 2.53
C TRP A 74 1.34 28.18 2.01
N GLY A 75 1.25 28.02 0.70
CA GLY A 75 1.39 26.71 0.10
C GLY A 75 0.90 26.72 -1.33
N GLY A 76 1.12 25.59 -2.00
CA GLY A 76 0.67 25.40 -3.36
C GLY A 76 -0.72 24.80 -3.38
N PHE A 77 -1.57 25.34 -4.24
CA PHE A 77 -2.96 24.91 -4.35
C PHE A 77 -3.30 24.60 -5.80
N LEU A 78 -4.32 23.75 -5.97
CA LEU A 78 -4.69 23.22 -7.27
C LEU A 78 -5.91 23.91 -7.88
N ASP A 79 -6.05 25.23 -7.69
CA ASP A 79 -7.06 26.10 -8.32
C ASP A 79 -8.40 25.41 -8.53
N ARG A 80 -9.05 25.03 -7.42
CA ARG A 80 -10.36 24.39 -7.37
C ARG A 80 -10.25 22.91 -7.69
N VAL A 81 -10.66 22.06 -6.75
CA VAL A 81 -10.57 20.61 -6.90
C VAL A 81 -11.96 20.00 -6.75
N ASP A 82 -12.98 20.86 -6.76
CA ASP A 82 -14.37 20.44 -6.62
C ASP A 82 -15.06 20.28 -7.96
N THR A 83 -14.32 20.31 -9.07
CA THR A 83 -14.87 20.20 -10.40
C THR A 83 -14.46 18.88 -11.03
N PHE A 84 -15.40 18.25 -11.74
CA PHE A 84 -15.14 16.95 -12.35
C PHE A 84 -16.04 16.78 -13.57
N ASP A 85 -15.55 16.04 -14.55
CA ASP A 85 -16.31 15.68 -15.75
C ASP A 85 -16.90 14.29 -15.50
N ALA A 86 -18.07 14.26 -14.84
CA ALA A 86 -18.69 12.99 -14.49
C ALA A 86 -19.17 12.22 -15.71
N GLY A 87 -19.66 12.93 -16.73
CA GLY A 87 -20.19 12.26 -17.92
C GLY A 87 -19.15 11.59 -18.77
N PHE A 88 -17.90 12.05 -18.71
CA PHE A 88 -16.85 11.45 -19.53
C PHE A 88 -16.56 10.02 -19.09
N PHE A 89 -16.52 9.76 -17.79
CA PHE A 89 -16.21 8.46 -17.25
C PHE A 89 -17.45 7.64 -16.92
N GLY A 90 -18.63 8.11 -17.31
CA GLY A 90 -19.85 7.38 -17.04
C GLY A 90 -20.17 7.26 -15.57
N ILE A 91 -20.05 8.36 -14.83
CA ILE A 91 -20.29 8.38 -13.40
C ILE A 91 -21.47 9.30 -13.13
N SER A 92 -22.43 8.82 -12.34
CA SER A 92 -23.60 9.61 -11.99
C SER A 92 -23.18 10.79 -11.12
N PRO A 93 -23.85 11.94 -11.26
CA PRO A 93 -23.51 13.10 -10.43
C PRO A 93 -23.61 12.83 -8.94
N ARG A 94 -24.60 12.03 -8.52
CA ARG A 94 -24.71 11.69 -7.10
C ARG A 94 -23.51 10.88 -6.63
N GLU A 95 -23.07 9.92 -7.44
CA GLU A 95 -21.88 9.14 -7.09
C GLU A 95 -20.63 10.01 -7.05
N ALA A 96 -20.49 10.92 -8.01
CA ALA A 96 -19.31 11.77 -8.06
C ALA A 96 -19.30 12.80 -6.93
N ALA A 97 -20.48 13.15 -6.42
CA ALA A 97 -20.55 14.13 -5.33
C ALA A 97 -19.89 13.60 -4.06
N ALA A 98 -20.10 12.33 -3.74
CA ALA A 98 -19.51 11.72 -2.55
C ALA A 98 -18.18 11.05 -2.83
N MET A 99 -17.69 11.10 -4.06
CA MET A 99 -16.43 10.48 -4.42
C MET A 99 -15.25 11.36 -4.04
N ASP A 100 -14.15 10.71 -3.68
CA ASP A 100 -12.92 11.44 -3.36
C ASP A 100 -12.40 12.15 -4.60
N PRO A 101 -12.14 13.46 -4.54
CA PRO A 101 -11.55 14.15 -5.69
C PRO A 101 -10.19 13.58 -6.10
N GLN A 102 -9.48 12.91 -5.19
CA GLN A 102 -8.22 12.28 -5.55
C GLN A 102 -8.43 11.20 -6.60
N GLN A 103 -9.51 10.41 -6.46
CA GLN A 103 -9.80 9.39 -7.46
C GLN A 103 -10.04 10.00 -8.83
N ARG A 104 -10.83 11.08 -8.88
CA ARG A 104 -11.10 11.75 -10.14
C ARG A 104 -9.82 12.31 -10.75
N LEU A 105 -8.97 12.93 -9.92
CA LEU A 105 -7.72 13.49 -10.41
C LEU A 105 -6.82 12.40 -10.97
N VAL A 106 -6.73 11.25 -10.28
CA VAL A 106 -5.90 10.16 -10.78
C VAL A 106 -6.47 9.58 -12.07
N LEU A 107 -7.80 9.48 -12.17
CA LEU A 107 -8.40 8.99 -13.41
C LEU A 107 -8.09 9.92 -14.57
N GLU A 108 -8.24 11.23 -14.36
CA GLU A 108 -7.92 12.19 -15.41
C GLU A 108 -6.44 12.13 -15.79
N LEU A 109 -5.56 12.00 -14.79
CA LEU A 109 -4.14 11.92 -15.07
C LEU A 109 -3.80 10.67 -15.86
N SER A 110 -4.41 9.54 -15.52
CA SER A 110 -4.17 8.30 -16.27
C SER A 110 -4.66 8.42 -17.70
N TRP A 111 -5.84 9.02 -17.89
CA TRP A 111 -6.35 9.21 -19.25
C TRP A 111 -5.43 10.13 -20.06
N GLU A 112 -4.95 11.21 -19.44
CA GLU A 112 -4.05 12.11 -20.14
C GLU A 112 -2.73 11.43 -20.49
N ALA A 113 -2.19 10.62 -19.56
CA ALA A 113 -0.95 9.90 -19.83
C ALA A 113 -1.13 8.90 -20.95
N LEU A 114 -2.26 8.18 -20.98
CA LEU A 114 -2.53 7.25 -22.06
C LEU A 114 -2.69 7.97 -23.39
N GLU A 115 -3.36 9.13 -23.40
CA GLU A 115 -3.50 9.89 -24.64
C GLU A 115 -2.14 10.39 -25.14
N GLY A 116 -1.29 10.86 -24.23
CA GLY A 116 0.02 11.38 -24.61
C GLY A 116 1.03 10.32 -24.96
N ALA A 117 0.75 9.06 -24.68
CA ALA A 117 1.66 7.97 -24.99
C ALA A 117 1.41 7.35 -26.36
N GLY A 118 0.42 7.86 -27.10
CA GLY A 118 0.10 7.33 -28.41
C GLY A 118 -0.67 6.03 -28.41
N LEU A 119 -1.17 5.59 -27.27
CA LEU A 119 -1.91 4.34 -27.15
C LEU A 119 -3.40 4.64 -26.95
N VAL A 120 -4.24 4.01 -27.75
CA VAL A 120 -5.68 4.16 -27.65
C VAL A 120 -6.17 3.36 -26.43
N PRO A 121 -6.88 3.98 -25.49
CA PRO A 121 -7.36 3.23 -24.33
C PRO A 121 -8.27 2.07 -24.69
N ALA A 122 -9.07 2.20 -25.76
CA ALA A 122 -9.98 1.13 -26.14
C ALA A 122 -9.24 -0.14 -26.54
N THR A 123 -7.98 -0.03 -26.97
CA THR A 123 -7.18 -1.20 -27.30
C THR A 123 -6.53 -1.84 -26.07
N LEU A 124 -6.66 -1.23 -24.90
CA LEU A 124 -6.08 -1.76 -23.68
C LEU A 124 -7.06 -2.61 -22.88
N ARG A 125 -8.28 -2.81 -23.37
CA ARG A 125 -9.25 -3.62 -22.65
C ARG A 125 -8.84 -5.08 -22.65
N ASP A 126 -9.11 -5.75 -21.52
CA ASP A 126 -8.80 -7.17 -21.35
C ASP A 126 -7.32 -7.46 -21.59
N THR A 127 -6.46 -6.58 -21.10
CA THR A 127 -5.01 -6.72 -21.23
C THR A 127 -4.37 -6.73 -19.85
N GLY A 128 -3.12 -7.18 -19.81
CA GLY A 128 -2.39 -7.24 -18.56
C GLY A 128 -1.73 -5.93 -18.19
N LEU A 129 -2.54 -4.91 -17.94
CA LEU A 129 -2.05 -3.58 -17.58
C LEU A 129 -2.18 -3.39 -16.08
N GLY A 130 -1.08 -3.05 -15.42
CA GLY A 130 -1.05 -2.86 -13.99
C GLY A 130 -1.10 -1.39 -13.60
N VAL A 131 -1.71 -1.14 -12.44
CA VAL A 131 -1.85 0.22 -11.91
C VAL A 131 -1.24 0.24 -10.52
N PHE A 132 -0.32 1.18 -10.28
CA PHE A 132 0.32 1.36 -8.99
C PHE A 132 0.26 2.83 -8.63
N VAL A 133 -0.57 3.18 -7.65
CA VAL A 133 -0.76 4.55 -7.20
C VAL A 133 -0.45 4.62 -5.72
N GLY A 134 0.40 5.57 -5.33
CA GLY A 134 0.75 5.76 -3.93
C GLY A 134 -0.02 6.88 -3.27
N ALA A 135 -0.98 6.53 -2.41
CA ALA A 135 -1.79 7.51 -1.71
C ALA A 135 -1.65 7.29 -0.21
N ALA A 136 -1.51 8.39 0.54
CA ALA A 136 -1.33 8.32 1.98
C ALA A 136 -2.13 9.40 2.69
N ARG A 137 -3.27 9.80 2.14
CA ARG A 137 -4.06 10.87 2.73
C ARG A 137 -5.53 10.65 2.41
N ASP A 138 -6.38 10.90 3.39
CA ASP A 138 -7.83 10.69 3.29
C ASP A 138 -8.58 11.88 3.87
N ASP A 139 -8.19 13.09 3.45
CA ASP A 139 -8.82 14.30 3.96
C ASP A 139 -10.30 14.38 3.57
N TYR A 140 -10.66 13.86 2.39
CA TYR A 140 -12.06 13.88 1.99
C TYR A 140 -12.91 13.01 2.91
N ALA A 141 -12.40 11.85 3.30
CA ALA A 141 -13.11 11.02 4.26
C ALA A 141 -13.21 11.72 5.61
N THR A 142 -12.15 12.44 6.00
CA THR A 142 -12.18 13.22 7.23
C THR A 142 -13.30 14.28 7.19
N LEU A 143 -13.41 15.00 6.08
CA LEU A 143 -14.46 16.00 5.95
C LEU A 143 -15.84 15.36 5.95
N TYR A 144 -15.99 14.24 5.23
CA TYR A 144 -17.29 13.60 5.11
C TYR A 144 -17.76 13.04 6.44
N ARG A 145 -16.86 12.47 7.23
CA ARG A 145 -17.24 11.82 8.48
C ARG A 145 -17.67 12.79 9.57
N ARG A 146 -17.47 14.09 9.37
CA ARG A 146 -17.95 15.08 10.33
C ARG A 146 -19.44 15.35 10.12
N ASP A 153 -25.54 6.95 2.59
CA ASP A 153 -25.47 6.64 1.14
C ASP A 153 -24.88 5.25 0.94
N HIS A 154 -24.83 4.77 -0.31
CA HIS A 154 -24.26 3.43 -0.59
C HIS A 154 -22.95 3.60 -1.37
N HIS A 155 -22.83 4.68 -2.14
CA HIS A 155 -21.55 4.96 -2.85
C HIS A 155 -20.63 5.75 -1.92
N ALA A 156 -21.10 6.07 -0.72
CA ALA A 156 -20.23 6.77 0.27
C ALA A 156 -19.07 5.84 0.60
N MET A 157 -19.37 4.73 1.25
CA MET A 157 -18.33 3.75 1.54
C MET A 157 -17.45 3.51 0.31
N THR A 158 -18.06 3.43 -0.87
CA THR A 158 -17.29 3.21 -2.09
C THR A 158 -16.41 4.40 -2.45
N GLY A 159 -16.90 5.61 -2.23
CA GLY A 159 -16.15 6.80 -2.61
C GLY A 159 -15.08 7.24 -1.62
N LEU A 160 -14.97 6.59 -0.48
CA LEU A 160 -14.01 6.97 0.54
C LEU A 160 -12.98 5.86 0.83
N HIS A 161 -12.79 4.94 -0.10
CA HIS A 161 -11.82 3.86 0.05
C HIS A 161 -10.55 4.18 -0.70
N ARG A 162 -9.41 4.01 -0.04
CA ARG A 162 -8.13 4.38 -0.65
C ARG A 162 -7.73 3.42 -1.77
N SER A 163 -8.08 2.14 -1.65
CA SER A 163 -7.67 1.16 -2.66
C SER A 163 -8.30 1.47 -4.01
N LEU A 164 -9.59 1.80 -4.03
CA LEU A 164 -10.29 2.00 -5.29
C LEU A 164 -9.68 3.12 -6.13
N ILE A 165 -8.91 4.02 -5.51
CA ILE A 165 -8.18 5.05 -6.25
C ILE A 165 -7.44 4.43 -7.43
N ALA A 166 -6.88 3.24 -7.24
CA ALA A 166 -6.31 2.50 -8.36
C ALA A 166 -7.32 1.57 -9.00
N ASN A 167 -8.17 0.92 -8.19
CA ASN A 167 -9.05 -0.11 -8.71
C ASN A 167 -10.03 0.46 -9.72
N ARG A 168 -10.55 1.66 -9.47
CA ARG A 168 -11.45 2.31 -10.41
C ARG A 168 -10.81 2.41 -11.79
N ILE A 169 -9.50 2.68 -11.84
CA ILE A 169 -8.82 2.72 -13.14
C ILE A 169 -8.92 1.37 -13.84
N SER A 170 -8.67 0.29 -13.09
CA SER A 170 -8.84 -1.04 -13.66
C SER A 170 -10.28 -1.28 -14.09
N TYR A 171 -11.23 -0.62 -13.44
CA TYR A 171 -12.62 -0.70 -13.89
C TYR A 171 -12.85 0.15 -15.13
N ALA A 172 -12.17 1.30 -15.22
CA ALA A 172 -12.36 2.17 -16.37
C ALA A 172 -11.67 1.62 -17.61
N LEU A 173 -10.44 1.12 -17.46
CA LEU A 173 -9.68 0.62 -18.59
C LEU A 173 -9.94 -0.86 -18.87
N GLY A 174 -10.60 -1.57 -17.98
CA GLY A 174 -10.82 -3.00 -18.15
C GLY A 174 -9.54 -3.81 -18.20
N ALA A 175 -8.57 -3.46 -17.35
CA ALA A 175 -7.28 -4.13 -17.35
C ALA A 175 -7.28 -5.30 -16.38
N HIS A 176 -6.53 -6.35 -16.74
CA HIS A 176 -6.43 -7.56 -15.93
C HIS A 176 -5.18 -7.60 -15.08
N GLY A 177 -4.35 -6.57 -15.12
CA GLY A 177 -3.13 -6.54 -14.34
C GLY A 177 -3.39 -6.19 -12.89
N PRO A 178 -2.38 -6.43 -12.06
CA PRO A 178 -2.51 -6.14 -10.63
C PRO A 178 -2.72 -4.65 -10.38
N SER A 179 -3.53 -4.33 -9.36
CA SER A 179 -3.81 -2.96 -8.97
C SER A 179 -3.76 -2.88 -7.46
N MET A 180 -2.81 -2.12 -6.93
CA MET A 180 -2.63 -2.00 -5.49
C MET A 180 -2.25 -0.57 -5.15
N VAL A 181 -2.46 -0.20 -3.88
CA VAL A 181 -2.12 1.11 -3.36
C VAL A 181 -1.07 0.93 -2.27
N VAL A 182 0.04 1.64 -2.39
CA VAL A 182 1.17 1.52 -1.47
C VAL A 182 1.21 2.76 -0.59
N ASP A 183 1.68 2.57 0.65
CA ASP A 183 1.74 3.64 1.65
C ASP A 183 3.07 3.51 2.39
N THR A 184 4.06 4.29 1.94
CA THR A 184 5.37 4.34 2.59
C THR A 184 5.69 5.74 3.10
N GLY A 185 4.70 6.63 3.13
CA GLY A 185 4.94 7.99 3.58
C GLY A 185 5.05 8.98 2.43
N CYS A 186 6.15 9.72 2.40
CA CYS A 186 6.38 10.70 1.34
C CYS A 186 7.05 10.08 0.11
N SER A 187 7.49 8.83 0.19
CA SER A 187 8.12 8.14 -0.93
C SER A 187 7.21 7.07 -1.52
N SER A 188 5.89 7.19 -1.34
CA SER A 188 4.98 6.18 -1.83
C SER A 188 5.00 6.09 -3.35
N SER A 189 5.09 7.23 -4.03
CA SER A 189 5.08 7.24 -5.49
C SER A 189 6.31 6.54 -6.06
N LEU A 190 7.48 6.80 -5.49
CA LEU A 190 8.70 6.15 -5.99
C LEU A 190 8.67 4.65 -5.71
N VAL A 191 8.13 4.25 -4.56
CA VAL A 191 7.98 2.84 -4.26
C VAL A 191 7.03 2.17 -5.25
N ALA A 192 5.94 2.86 -5.60
CA ALA A 192 5.02 2.32 -6.59
C ALA A 192 5.68 2.20 -7.95
N VAL A 193 6.50 3.19 -8.33
CA VAL A 193 7.23 3.11 -9.59
C VAL A 193 8.18 1.92 -9.60
N HIS A 194 8.90 1.71 -8.48
CA HIS A 194 9.79 0.57 -8.38
C HIS A 194 9.04 -0.75 -8.46
N LEU A 195 7.88 -0.84 -7.81
CA LEU A 195 7.08 -2.05 -7.87
C LEU A 195 6.58 -2.32 -9.28
N ALA A 196 6.15 -1.26 -9.98
CA ALA A 196 5.73 -1.42 -11.37
C ALA A 196 6.87 -1.89 -12.25
N CYS A 197 8.07 -1.33 -12.05
CA CYS A 197 9.23 -1.75 -12.82
C CYS A 197 9.56 -3.21 -12.55
N GLU A 198 9.50 -3.63 -11.28
CA GLU A 198 9.77 -5.02 -10.95
C GLU A 198 8.73 -5.96 -11.56
N SER A 199 7.45 -5.55 -11.53
CA SER A 199 6.41 -6.37 -12.15
C SER A 199 6.61 -6.48 -13.65
N LEU A 200 7.01 -5.38 -14.29
CA LEU A 200 7.30 -5.43 -15.72
C LEU A 200 8.48 -6.34 -16.02
N ARG A 201 9.53 -6.28 -15.18
CA ARG A 201 10.69 -7.13 -15.38
C ARG A 201 10.34 -8.60 -15.22
N ARG A 202 9.50 -8.92 -14.22
CA ARG A 202 9.09 -10.30 -13.99
C ARG A 202 8.07 -10.79 -15.02
N GLY A 203 7.54 -9.91 -15.85
CA GLY A 203 6.59 -10.31 -16.88
C GLY A 203 5.14 -10.37 -16.44
N GLU A 204 4.83 -9.95 -15.21
CA GLU A 204 3.45 -9.99 -14.74
C GLU A 204 2.57 -9.01 -15.52
N SER A 205 3.10 -7.82 -15.82
CA SER A 205 2.34 -6.79 -16.51
C SER A 205 3.05 -6.39 -17.80
N ASP A 206 2.25 -6.04 -18.80
CA ASP A 206 2.77 -5.59 -20.10
C ASP A 206 3.00 -4.09 -20.12
N ILE A 207 2.04 -3.32 -19.60
CA ILE A 207 2.15 -1.87 -19.48
C ILE A 207 1.71 -1.50 -18.07
N ALA A 208 2.44 -0.55 -17.45
CA ALA A 208 2.16 -0.17 -16.09
C ALA A 208 1.92 1.34 -16.01
N LEU A 209 1.08 1.74 -15.06
CA LEU A 209 0.84 3.13 -14.73
C LEU A 209 1.29 3.37 -13.30
N ALA A 210 2.24 4.27 -13.10
CA ALA A 210 2.85 4.47 -11.79
C ALA A 210 2.90 5.95 -11.44
N GLY A 211 2.57 6.27 -10.20
CA GLY A 211 2.58 7.65 -9.77
C GLY A 211 1.93 7.83 -8.41
N GLY A 212 1.47 9.06 -8.17
CA GLY A 212 0.87 9.37 -6.89
C GLY A 212 -0.01 10.60 -6.97
N VAL A 213 -0.63 10.91 -5.83
CA VAL A 213 -1.53 12.06 -5.72
C VAL A 213 -1.60 12.46 -4.25
N ASN A 214 -1.89 13.73 -4.00
CA ASN A 214 -2.05 14.23 -2.64
C ASN A 214 -2.80 15.54 -2.70
N LEU A 215 -3.96 15.62 -2.04
CA LEU A 215 -4.79 16.81 -2.05
C LEU A 215 -5.09 17.23 -0.63
N ASN A 216 -4.75 18.47 -0.28
CA ASN A 216 -4.98 19.03 1.05
C ASN A 216 -6.34 19.71 1.03
N ILE A 217 -7.31 19.10 1.71
CA ILE A 217 -8.68 19.58 1.75
C ILE A 217 -9.12 19.91 3.18
N ALA A 218 -8.97 18.95 4.09
CA ALA A 218 -9.41 19.13 5.47
C ALA A 218 -8.40 19.95 6.26
N ALA A 219 -8.93 20.84 7.11
CA ALA A 219 -8.08 21.66 7.96
C ALA A 219 -7.49 20.89 9.13
N GLU A 220 -8.03 19.71 9.44
CA GLU A 220 -7.49 18.90 10.53
C GLU A 220 -6.06 18.46 10.23
N SER A 221 -5.79 18.10 8.97
CA SER A 221 -4.43 17.73 8.58
C SER A 221 -3.47 18.91 8.76
N ALA A 222 -3.90 20.11 8.37
CA ALA A 222 -3.07 21.29 8.56
C ALA A 222 -2.83 21.57 10.03
N ARG A 223 -3.86 21.42 10.86
CA ARG A 223 -3.68 21.61 12.30
C ARG A 223 -2.70 20.60 12.88
N GLU A 224 -2.80 19.34 12.47
CA GLU A 224 -1.89 18.32 12.95
C GLU A 224 -0.46 18.60 12.51
N THR A 225 -0.28 19.02 11.25
CA THR A 225 1.06 19.34 10.75
C THR A 225 1.66 20.52 11.51
N ALA A 226 0.85 21.56 11.76
CA ALA A 226 1.35 22.70 12.53
C ALA A 226 1.69 22.30 13.95
N ALA A 227 0.87 21.43 14.55
CA ALA A 227 1.13 20.96 15.90
C ALA A 227 2.42 20.15 15.98
N PHE A 228 2.70 19.34 14.94
CA PHE A 228 3.95 18.59 14.90
C PHE A 228 5.17 19.50 14.85
N GLY A 229 5.02 20.72 14.34
CA GLY A 229 6.11 21.66 14.28
C GLY A 229 7.10 21.39 13.16
N GLY A 230 6.62 21.44 11.92
CA GLY A 230 7.48 21.24 10.78
C GLY A 230 7.24 22.24 9.67
N LEU A 231 6.22 23.09 9.85
CA LEU A 231 5.89 24.09 8.84
C LEU A 231 6.83 25.28 8.95
N SER A 232 7.28 25.78 7.82
CA SER A 232 8.15 26.95 7.80
C SER A 232 7.37 28.19 8.22
N PRO A 233 7.88 28.99 9.15
CA PRO A 233 7.15 30.21 9.56
C PRO A 233 6.91 31.19 8.42
N ASP A 234 7.84 31.29 7.48
CA ASP A 234 7.68 32.17 6.32
C ASP A 234 7.09 31.45 5.12
N GLY A 235 6.83 30.15 5.24
CA GLY A 235 6.22 29.40 4.15
C GLY A 235 7.10 29.29 2.92
N GLN A 236 8.37 28.99 3.11
CA GLN A 236 9.30 28.79 2.01
C GLN A 236 10.13 27.54 2.26
N CYS A 237 10.60 26.92 1.18
CA CYS A 237 11.42 25.72 1.23
C CYS A 237 12.85 26.11 0.87
N PHE A 238 13.67 26.39 1.88
CA PHE A 238 15.06 26.77 1.66
C PHE A 238 15.90 25.50 1.59
N THR A 239 15.94 24.91 0.40
CA THR A 239 16.71 23.69 0.19
C THR A 239 18.20 24.00 0.16
N PHE A 240 18.96 23.36 1.05
CA PHE A 240 20.40 23.53 1.16
C PHE A 240 20.80 24.98 1.44
N ASP A 241 19.93 25.74 2.10
CA ASP A 241 20.17 27.15 2.38
C ASP A 241 20.30 27.37 3.89
N ALA A 242 21.07 28.41 4.25
CA ALA A 242 21.27 28.75 5.66
C ALA A 242 20.00 29.27 6.32
N ARG A 243 18.98 29.63 5.56
CA ARG A 243 17.72 30.12 6.10
C ARG A 243 16.69 29.02 6.29
N ALA A 244 17.09 27.76 6.13
CA ALA A 244 16.15 26.65 6.23
C ALA A 244 15.53 26.58 7.61
N ASN A 245 14.19 26.62 7.67
CA ASN A 245 13.48 26.54 8.94
C ASN A 245 12.23 25.67 8.84
N GLY A 246 12.18 24.74 7.90
CA GLY A 246 11.03 23.88 7.70
C GLY A 246 10.71 23.76 6.23
N PHE A 247 9.47 23.36 5.95
CA PHE A 247 9.00 23.18 4.58
C PHE A 247 7.61 23.78 4.43
N VAL A 248 7.17 23.89 3.18
CA VAL A 248 5.83 24.35 2.86
C VAL A 248 5.09 23.21 2.18
N ARG A 249 3.78 23.17 2.36
CA ARG A 249 2.97 22.07 1.87
C ARG A 249 2.44 22.36 0.48
N GLY A 250 2.43 21.33 -0.37
CA GLY A 250 1.88 21.43 -1.70
C GLY A 250 0.94 20.27 -1.99
N GLU A 251 0.15 20.43 -3.04
CA GLU A 251 -0.80 19.41 -3.46
C GLU A 251 -0.77 19.28 -4.97
N GLY A 252 -1.18 18.12 -5.44
CA GLY A 252 -1.20 17.82 -6.86
C GLY A 252 -1.15 16.32 -7.08
N GLY A 253 -0.58 15.93 -8.22
CA GLY A 253 -0.47 14.53 -8.55
C GLY A 253 0.27 14.34 -9.86
N GLY A 254 0.63 13.08 -10.12
CA GLY A 254 1.34 12.74 -11.34
C GLY A 254 1.27 11.26 -11.61
N LEU A 255 1.41 10.93 -12.89
CA LEU A 255 1.40 9.54 -13.35
C LEU A 255 2.32 9.42 -14.56
N VAL A 256 2.91 8.23 -14.72
CA VAL A 256 3.77 7.92 -15.84
C VAL A 256 3.43 6.52 -16.34
N VAL A 257 3.77 6.28 -17.60
CA VAL A 257 3.53 5.00 -18.27
C VAL A 257 4.87 4.28 -18.42
N LEU A 258 4.92 3.04 -17.97
CA LEU A 258 6.15 2.26 -17.96
C LEU A 258 5.97 1.00 -18.80
N LYS A 259 6.97 0.72 -19.63
CA LYS A 259 7.00 -0.46 -20.49
C LYS A 259 8.45 -0.88 -20.68
N THR A 260 8.65 -2.17 -20.93
CA THR A 260 10.00 -2.68 -21.14
C THR A 260 10.61 -2.07 -22.41
N LEU A 261 11.92 -1.88 -22.38
CA LEU A 261 12.61 -1.24 -23.50
C LEU A 261 12.49 -2.06 -24.78
N ARG A 262 12.61 -3.39 -24.65
CA ARG A 262 12.53 -4.26 -25.84
C ARG A 262 11.16 -4.16 -26.49
N ARG A 263 10.09 -4.21 -25.68
CA ARG A 263 8.75 -4.11 -26.24
C ARG A 263 8.48 -2.73 -26.80
N ALA A 264 8.99 -1.69 -26.15
CA ALA A 264 8.81 -0.33 -26.66
C ALA A 264 9.50 -0.15 -28.00
N LEU A 265 10.71 -0.70 -28.15
CA LEU A 265 11.41 -0.62 -29.43
C LEU A 265 10.69 -1.46 -30.49
N ALA A 266 10.16 -2.62 -30.10
CA ALA A 266 9.44 -3.46 -31.04
C ALA A 266 8.13 -2.82 -31.48
N ASP A 267 7.46 -2.11 -30.58
CA ASP A 267 6.19 -1.46 -30.89
C ASP A 267 6.36 -0.12 -31.59
N GLY A 268 7.58 0.37 -31.73
CA GLY A 268 7.81 1.63 -32.40
C GLY A 268 7.47 2.85 -31.58
N ASP A 269 7.30 2.70 -30.27
CA ASP A 269 6.98 3.83 -29.42
C ASP A 269 8.20 4.72 -29.21
N LEU A 270 7.94 5.99 -28.92
CA LEU A 270 8.98 6.96 -28.62
C LEU A 270 9.26 6.95 -27.12
N VAL A 271 10.54 6.94 -26.76
CA VAL A 271 10.96 6.76 -25.38
C VAL A 271 11.30 8.12 -24.79
N HIS A 272 10.62 8.49 -23.70
CA HIS A 272 10.97 9.70 -22.97
C HIS A 272 12.21 9.52 -22.12
N GLY A 273 12.39 8.35 -21.52
CA GLY A 273 13.55 8.08 -20.69
C GLY A 273 13.68 6.60 -20.42
N VAL A 274 14.85 6.22 -19.92
CA VAL A 274 15.18 4.82 -19.67
C VAL A 274 15.57 4.68 -18.21
N ILE A 275 14.70 4.06 -17.42
CA ILE A 275 15.04 3.73 -16.04
C ILE A 275 15.94 2.50 -16.04
N LEU A 276 17.10 2.63 -15.39
CA LEU A 276 18.10 1.56 -15.40
C LEU A 276 17.94 0.61 -14.22
N ALA A 277 17.80 1.14 -13.01
CA ALA A 277 17.67 0.31 -11.83
C ALA A 277 16.95 1.10 -10.74
N SER A 278 16.47 0.38 -9.73
CA SER A 278 15.80 0.97 -8.60
C SER A 278 16.03 0.11 -7.37
N ALA A 279 15.89 0.72 -6.20
CA ALA A 279 16.10 0.01 -4.95
C ALA A 279 15.31 0.70 -3.84
N VAL A 280 14.76 -0.11 -2.94
CA VAL A 280 14.01 0.37 -1.79
C VAL A 280 14.59 -0.27 -0.54
N ASN A 281 14.88 0.55 0.47
CA ASN A 281 15.44 0.05 1.72
C ASN A 281 14.81 0.83 2.87
N ASN A 282 15.33 0.60 4.08
CA ASN A 282 14.85 1.26 5.28
C ASN A 282 16.03 1.78 6.09
N ASP A 283 15.76 2.79 6.91
CA ASP A 283 16.81 3.39 7.73
C ASP A 283 17.37 2.38 8.73
N GLY A 284 16.48 1.60 9.36
CA GLY A 284 16.89 0.57 10.28
C GLY A 284 17.09 1.10 11.69
N PRO A 285 18.28 0.85 12.26
CA PRO A 285 18.55 1.28 13.65
C PRO A 285 19.04 2.72 13.72
N SER A 286 18.14 3.64 13.40
CA SER A 286 18.46 5.06 13.47
C SER A 286 18.42 5.55 14.92
N ASP A 287 18.97 6.76 15.13
CA ASP A 287 18.93 7.36 16.46
C ASP A 287 17.51 7.62 16.92
N THR A 288 16.65 8.10 16.02
CA THR A 288 15.26 8.37 16.34
C THR A 288 14.40 7.85 15.20
N LEU A 289 13.14 7.52 15.53
CA LEU A 289 12.22 7.03 14.52
C LEU A 289 12.04 8.03 13.38
N THR A 290 12.11 9.32 13.68
CA THR A 290 11.99 10.35 12.65
C THR A 290 13.34 10.75 12.06
N THR A 291 14.43 10.59 12.81
CA THR A 291 15.73 11.01 12.33
C THR A 291 16.21 10.07 11.22
N PRO A 292 16.57 10.60 10.05
CA PRO A 292 17.07 9.73 8.97
C PRO A 292 18.47 9.23 9.27
N SER A 293 18.84 8.16 8.57
CA SER A 293 20.15 7.53 8.72
C SER A 293 20.98 7.78 7.47
N ARG A 294 22.22 8.24 7.67
CA ARG A 294 23.10 8.52 6.53
C ARG A 294 23.63 7.23 5.91
N ARG A 295 23.98 6.24 6.74
CA ARG A 295 24.56 5.01 6.22
C ARG A 295 23.55 4.26 5.35
N ALA A 296 22.28 4.27 5.73
CA ALA A 296 21.26 3.61 4.90
C ALA A 296 21.16 4.26 3.54
N GLN A 297 21.17 5.59 3.49
CA GLN A 297 21.12 6.29 2.21
C GLN A 297 22.36 5.99 1.38
N GLU A 298 23.54 5.98 2.01
CA GLU A 298 24.76 5.67 1.27
C GLU A 298 24.72 4.26 0.68
N SER A 299 24.27 3.28 1.48
CA SER A 299 24.20 1.91 0.98
C SER A 299 23.17 1.80 -0.15
N LEU A 300 22.02 2.47 -0.01
CA LEU A 300 21.02 2.45 -1.07
C LEU A 300 21.57 3.04 -2.36
N LEU A 301 22.25 4.18 -2.25
CA LEU A 301 22.83 4.81 -3.44
C LEU A 301 23.88 3.90 -4.08
N THR A 302 24.75 3.31 -3.26
CA THR A 302 25.79 2.44 -3.80
C THR A 302 25.19 1.24 -4.51
N ARG A 303 24.18 0.59 -3.90
CA ARG A 303 23.60 -0.59 -4.51
C ARG A 303 22.82 -0.23 -5.78
N VAL A 304 22.11 0.89 -5.78
CA VAL A 304 21.32 1.24 -6.97
C VAL A 304 22.25 1.64 -8.11
N TYR A 305 23.35 2.32 -7.83
CA TYR A 305 24.30 2.68 -8.88
C TYR A 305 25.13 1.50 -9.35
N ARG A 306 25.34 0.50 -8.49
CA ARG A 306 26.01 -0.72 -8.95
C ARG A 306 25.08 -1.57 -9.81
N ARG A 307 23.80 -1.64 -9.44
CA ARG A 307 22.84 -2.37 -10.26
C ARG A 307 22.62 -1.69 -11.61
N ALA A 308 22.54 -0.36 -11.61
CA ALA A 308 22.34 0.37 -12.86
C ALA A 308 23.56 0.31 -13.77
N GLY A 309 24.73 -0.02 -13.23
CA GLY A 309 25.93 -0.07 -14.04
C GLY A 309 26.53 1.26 -14.40
N VAL A 310 26.13 2.33 -13.73
CA VAL A 310 26.62 3.68 -14.02
C VAL A 310 27.60 4.06 -12.92
N THR A 311 28.85 4.30 -13.32
CA THR A 311 29.92 4.71 -12.41
C THR A 311 29.88 6.21 -12.22
N PRO A 312 30.57 6.72 -11.19
CA PRO A 312 30.72 8.19 -11.05
C PRO A 312 31.26 8.86 -12.30
N THR A 313 31.18 10.20 -12.34
CA THR A 313 31.51 11.06 -13.47
C THR A 313 30.63 10.80 -14.69
N GLU A 314 29.54 10.03 -14.54
CA GLU A 314 28.60 9.81 -15.62
C GLU A 314 27.23 10.41 -15.37
N VAL A 315 26.89 10.71 -14.12
CA VAL A 315 25.61 11.32 -13.78
C VAL A 315 25.78 12.83 -13.73
N GLY A 316 24.93 13.54 -14.46
CA GLY A 316 25.06 14.98 -14.58
C GLY A 316 24.11 15.78 -13.70
N TYR A 317 23.19 15.11 -13.02
CA TYR A 317 22.24 15.79 -12.16
C TYR A 317 21.64 14.79 -11.18
N VAL A 318 21.36 15.28 -9.97
CA VAL A 318 20.72 14.48 -8.93
C VAL A 318 19.57 15.29 -8.36
N GLU A 319 18.37 14.70 -8.33
CA GLU A 319 17.19 15.37 -7.80
C GLU A 319 17.13 15.13 -6.30
N LEU A 320 17.40 16.18 -5.53
CA LEU A 320 17.40 16.07 -4.08
C LEU A 320 15.98 15.90 -3.54
N HIS A 321 15.88 15.29 -2.36
CA HIS A 321 14.61 15.25 -1.65
C HIS A 321 14.16 16.66 -1.29
N GLY A 322 15.09 17.49 -0.81
CA GLY A 322 14.86 18.91 -0.67
C GLY A 322 13.71 19.32 0.23
N THR A 323 13.65 18.76 1.43
CA THR A 323 12.62 19.18 2.38
C THR A 323 12.94 20.50 3.06
N GLY A 324 14.16 21.01 2.92
CA GLY A 324 14.51 22.27 3.55
C GLY A 324 14.60 22.23 5.05
N THR A 325 14.87 21.06 5.63
CA THR A 325 14.98 20.92 7.07
C THR A 325 16.42 21.10 7.52
N LYS A 326 16.60 21.36 8.82
CA LYS A 326 17.92 21.58 9.39
C LYS A 326 18.66 20.29 9.69
N VAL A 327 18.00 19.13 9.57
CA VAL A 327 18.60 17.85 9.88
C VAL A 327 18.73 16.96 8.65
N GLY A 328 17.64 16.83 7.87
CA GLY A 328 17.66 15.95 6.72
C GLY A 328 18.59 16.42 5.62
N ASP A 329 18.63 17.73 5.37
CA ASP A 329 19.45 18.26 4.28
C ASP A 329 20.94 18.00 4.49
N PRO A 330 21.54 18.29 5.66
CA PRO A 330 22.96 17.94 5.82
C PRO A 330 23.26 16.47 5.68
N ILE A 331 22.36 15.60 6.17
CA ILE A 331 22.57 14.16 6.05
C ILE A 331 22.54 13.74 4.58
N GLU A 332 21.57 14.26 3.83
CA GLU A 332 21.49 13.94 2.40
C GLU A 332 22.72 14.44 1.66
N ALA A 333 23.17 15.66 1.97
CA ALA A 333 24.35 16.20 1.31
C ALA A 333 25.58 15.36 1.62
N ALA A 334 25.76 14.97 2.89
CA ALA A 334 26.91 14.15 3.26
C ALA A 334 26.87 12.80 2.56
N ALA A 335 25.70 12.17 2.51
CA ALA A 335 25.58 10.87 1.83
C ALA A 335 25.89 10.99 0.36
N LEU A 336 25.35 12.02 -0.31
CA LEU A 336 25.59 12.20 -1.74
C LEU A 336 27.05 12.50 -2.02
N GLY A 337 27.69 13.31 -1.18
CA GLY A 337 29.11 13.57 -1.34
C GLY A 337 29.98 12.35 -1.09
N ALA A 338 29.60 11.50 -0.14
CA ALA A 338 30.37 10.29 0.12
C ALA A 338 30.20 9.27 -1.00
N VAL A 339 29.01 9.21 -1.60
CA VAL A 339 28.73 8.22 -2.64
C VAL A 339 29.12 8.75 -4.01
N LEU A 340 28.48 9.84 -4.43
CA LEU A 340 28.68 10.39 -5.77
C LEU A 340 29.61 11.58 -5.81
N GLY A 341 29.75 12.31 -4.70
CA GLY A 341 30.62 13.49 -4.70
C GLY A 341 32.08 13.13 -4.91
N THR A 342 32.54 12.04 -4.30
CA THR A 342 33.93 11.65 -4.43
C THR A 342 34.22 11.13 -5.83
N GLY A 343 35.49 11.23 -6.22
CA GLY A 343 35.92 10.75 -7.52
C GLY A 343 35.31 11.48 -8.70
N ARG A 344 35.18 12.80 -8.60
CA ARG A 344 34.61 13.61 -9.67
C ARG A 344 35.49 14.84 -9.90
N ASP A 345 35.82 15.10 -11.16
CA ASP A 345 36.66 16.25 -11.50
C ASP A 345 35.89 17.56 -11.41
N THR A 346 34.57 17.51 -11.55
CA THR A 346 33.73 18.70 -11.51
C THR A 346 32.63 18.52 -10.46
N PRO A 347 32.18 19.61 -9.85
CA PRO A 347 31.09 19.51 -8.87
C PRO A 347 29.82 18.96 -9.49
N LEU A 348 29.10 18.17 -8.70
CA LEU A 348 27.84 17.56 -9.15
C LEU A 348 26.70 18.55 -8.99
N PRO A 349 25.95 18.84 -10.06
CA PRO A 349 24.79 19.72 -9.92
C PRO A 349 23.65 19.02 -9.19
N VAL A 350 23.00 19.76 -8.29
CA VAL A 350 21.89 19.26 -7.49
C VAL A 350 20.77 20.29 -7.49
N GLY A 351 19.57 19.82 -7.15
CA GLY A 351 18.42 20.70 -7.09
C GLY A 351 17.22 19.95 -6.56
N SER A 352 16.18 20.71 -6.22
CA SER A 352 14.95 20.16 -5.69
C SER A 352 13.77 20.91 -6.28
N ILE A 353 12.70 20.18 -6.59
CA ILE A 353 11.49 20.79 -7.14
C ILE A 353 10.59 21.40 -6.07
N LYS A 354 10.84 21.10 -4.80
CA LYS A 354 10.00 21.63 -3.73
C LYS A 354 10.17 23.13 -3.55
N THR A 355 11.24 23.72 -4.09
CA THR A 355 11.44 25.16 -3.99
C THR A 355 10.47 25.93 -4.87
N ASN A 356 9.81 25.26 -5.81
CA ASN A 356 8.89 25.91 -6.74
C ASN A 356 7.43 25.72 -6.37
N ILE A 357 7.01 24.48 -6.11
CA ILE A 357 5.62 24.18 -5.82
C ILE A 357 5.38 23.80 -4.36
N GLY A 358 6.39 23.30 -3.67
CA GLY A 358 6.26 22.89 -2.28
C GLY A 358 6.32 21.38 -2.12
N HIS A 359 6.12 20.95 -0.87
CA HIS A 359 6.16 19.54 -0.54
C HIS A 359 4.79 18.91 -0.78
N LEU A 360 4.71 18.00 -1.75
CA LEU A 360 3.47 17.30 -2.06
C LEU A 360 3.33 15.99 -1.29
N GLU A 361 4.26 15.69 -0.40
CA GLU A 361 4.25 14.49 0.45
C GLU A 361 4.27 13.26 -0.46
N GLY A 362 3.29 12.35 -0.36
CA GLY A 362 3.36 11.08 -1.05
C GLY A 362 3.48 11.18 -2.56
N ALA A 363 2.99 12.27 -3.14
CA ALA A 363 3.11 12.49 -4.58
C ALA A 363 4.40 13.18 -4.99
N ALA A 364 4.99 13.98 -4.10
CA ALA A 364 6.10 14.84 -4.48
C ALA A 364 7.18 14.06 -5.22
N GLY A 365 7.47 12.86 -4.74
CA GLY A 365 8.51 12.05 -5.36
C GLY A 365 8.35 11.92 -6.86
N ILE A 366 7.18 11.46 -7.31
CA ILE A 366 7.02 11.24 -8.75
C ILE A 366 7.13 12.57 -9.49
N ALA A 367 6.65 13.65 -8.86
CA ALA A 367 6.79 14.97 -9.47
C ALA A 367 8.26 15.25 -9.78
N GLY A 368 9.14 15.00 -8.80
CA GLY A 368 10.56 15.19 -9.03
C GLY A 368 11.04 14.37 -10.22
N LEU A 369 10.62 13.10 -10.28
CA LEU A 369 10.99 12.27 -11.42
C LEU A 369 10.53 12.90 -12.72
N ILE A 370 9.29 13.41 -12.73
CA ILE A 370 8.78 14.08 -13.92
C ILE A 370 9.71 15.23 -14.31
N LYS A 371 10.14 16.02 -13.33
CA LYS A 371 11.09 17.08 -13.60
C LYS A 371 12.34 16.54 -14.25
N ALA A 372 12.88 15.44 -13.70
CA ALA A 372 14.06 14.82 -14.30
C ALA A 372 13.79 14.43 -15.74
N LEU A 373 12.61 13.87 -16.00
CA LEU A 373 12.25 13.50 -17.36
C LEU A 373 12.30 14.72 -18.28
N LEU A 374 11.77 15.86 -17.80
CA LEU A 374 11.86 17.08 -18.58
C LEU A 374 13.31 17.45 -18.84
N GLN A 375 14.15 17.35 -17.81
CA GLN A 375 15.57 17.64 -17.98
C GLN A 375 16.25 16.64 -18.89
N LEU A 376 15.64 15.47 -19.10
CA LEU A 376 16.19 14.50 -20.03
C LEU A 376 15.60 14.62 -21.43
N ARG A 377 14.66 15.55 -21.64
CA ARG A 377 14.08 15.75 -22.95
C ARG A 377 14.53 17.04 -23.61
N ARG A 378 14.60 18.14 -22.85
CA ARG A 378 15.07 19.41 -23.38
C ARG A 378 16.58 19.57 -23.33
N ARG A 379 17.29 18.64 -22.69
CA ARG A 379 18.74 18.71 -22.55
C ARG A 379 19.18 20.03 -21.92
N ARG A 380 18.42 20.49 -20.92
CA ARG A 380 18.70 21.74 -20.24
C ARG A 380 18.39 21.58 -18.76
N LEU A 381 19.02 22.43 -17.95
CA LEU A 381 18.82 22.43 -16.50
C LEU A 381 18.10 23.71 -16.10
N VAL A 382 17.24 23.58 -15.08
CA VAL A 382 16.45 24.72 -14.61
C VAL A 382 17.02 25.20 -13.28
N PRO A 383 16.90 26.48 -12.95
CA PRO A 383 17.43 26.97 -11.68
C PRO A 383 16.62 26.49 -10.49
N SER A 384 17.27 26.48 -9.33
CA SER A 384 16.63 26.14 -8.06
C SER A 384 16.54 27.39 -7.21
N LEU A 385 15.34 27.70 -6.74
CA LEU A 385 15.11 28.92 -5.97
C LEU A 385 15.46 28.71 -4.51
N ASN A 386 15.30 29.78 -3.73
CA ASN A 386 15.54 29.76 -2.27
C ASN A 386 16.96 29.32 -1.94
N PHE A 387 17.94 29.87 -2.65
CA PHE A 387 19.34 29.59 -2.39
C PHE A 387 20.14 30.88 -2.53
N SER A 388 20.63 31.39 -1.40
CA SER A 388 21.45 32.61 -1.39
C SER A 388 22.87 32.34 -0.89
N THR A 389 23.00 31.67 0.26
CA THR A 389 24.31 31.35 0.82
C THR A 389 24.34 29.88 1.20
N PRO A 390 25.50 29.22 1.07
CA PRO A 390 25.58 27.80 1.45
C PRO A 390 25.34 27.60 2.93
N ASN A 391 24.75 26.46 3.27
CA ASN A 391 24.49 26.13 4.66
C ASN A 391 25.81 25.84 5.37
N PRO A 392 26.10 26.48 6.50
CA PRO A 392 27.35 26.18 7.21
C PRO A 392 27.47 24.72 7.62
N ASP A 393 26.36 24.04 7.90
CA ASP A 393 26.39 22.62 8.21
C ASP A 393 26.62 21.75 6.99
N ILE A 394 26.57 22.31 5.80
CA ILE A 394 26.77 21.58 4.55
C ILE A 394 28.04 22.08 3.88
N PRO A 395 29.14 21.34 4.00
CA PRO A 395 30.39 21.70 3.31
C PRO A 395 30.37 21.31 1.84
N LEU A 396 29.77 22.19 1.03
CA LEU A 396 29.60 21.90 -0.39
C LEU A 396 30.94 21.77 -1.12
N ASP A 397 31.95 22.53 -0.69
CA ASP A 397 33.27 22.42 -1.31
C ASP A 397 33.87 21.03 -1.07
N ALA A 398 33.77 20.52 0.15
CA ALA A 398 34.29 19.19 0.43
C ALA A 398 33.46 18.09 -0.22
N LEU A 399 32.14 18.27 -0.25
CA LEU A 399 31.25 17.26 -0.82
C LEU A 399 31.26 17.25 -2.34
N ASN A 400 31.92 18.22 -2.98
CA ASN A 400 31.99 18.31 -4.44
C ASN A 400 30.60 18.40 -5.06
N LEU A 401 29.73 19.19 -4.44
CA LEU A 401 28.37 19.39 -4.91
C LEU A 401 28.11 20.88 -5.10
N ARG A 402 27.20 21.20 -6.01
CA ARG A 402 26.83 22.59 -6.26
C ARG A 402 25.36 22.65 -6.65
N VAL A 403 24.70 23.71 -6.22
CA VAL A 403 23.27 23.89 -6.46
C VAL A 403 23.08 24.63 -7.78
N GLN A 404 22.25 24.07 -8.66
CA GLN A 404 21.97 24.69 -9.94
C GLN A 404 21.06 25.89 -9.74
N GLN A 405 21.55 27.08 -10.08
CA GLN A 405 20.79 28.32 -9.91
C GLN A 405 20.71 29.12 -11.20
N GLU A 406 20.91 28.48 -12.35
CA GLU A 406 20.83 29.16 -13.63
C GLU A 406 20.41 28.16 -14.70
N SER A 407 19.88 28.70 -15.80
CA SER A 407 19.46 27.89 -16.93
C SER A 407 20.63 27.74 -17.91
N ALA A 408 21.18 26.54 -18.00
CA ALA A 408 22.30 26.25 -18.87
C ALA A 408 22.04 24.96 -19.62
N PRO A 409 22.57 24.83 -20.84
CA PRO A 409 22.41 23.59 -21.59
C PRO A 409 23.13 22.43 -20.90
N TRP A 410 22.60 21.23 -21.11
CA TRP A 410 23.16 20.01 -20.53
C TRP A 410 23.98 19.29 -21.60
N ALA A 411 25.24 19.00 -21.28
CA ALA A 411 26.16 18.34 -22.19
C ALA A 411 26.72 17.08 -21.53
N THR A 412 27.07 16.11 -22.38
CA THR A 412 27.62 14.85 -21.90
C THR A 412 29.01 15.04 -21.29
N THR A 419 25.72 9.27 -22.45
CA THR A 419 24.40 9.87 -22.38
C THR A 419 24.15 10.52 -21.02
N LEU A 420 23.14 11.39 -20.96
CA LEU A 420 22.81 12.06 -19.72
C LEU A 420 22.14 11.10 -18.75
N VAL A 421 22.59 11.12 -17.50
CA VAL A 421 22.09 10.25 -16.45
C VAL A 421 21.70 11.10 -15.25
N ALA A 422 20.54 10.83 -14.68
CA ALA A 422 20.04 11.59 -13.54
C ALA A 422 19.48 10.64 -12.50
N GLY A 423 19.42 11.11 -11.27
CA GLY A 423 18.90 10.32 -10.17
C GLY A 423 17.88 11.09 -9.36
N VAL A 424 16.81 10.40 -8.97
CA VAL A 424 15.73 10.98 -8.18
C VAL A 424 15.62 10.19 -6.88
N SER A 425 15.66 10.91 -5.76
CA SER A 425 15.61 10.30 -4.44
C SER A 425 14.36 10.77 -3.69
N SER A 426 13.73 9.84 -2.97
CA SER A 426 12.57 10.15 -2.15
C SER A 426 12.71 9.43 -0.82
N PHE A 427 12.73 10.19 0.28
CA PHE A 427 12.90 9.65 1.62
C PHE A 427 11.63 9.86 2.41
N GLY A 428 11.11 8.78 2.99
CA GLY A 428 9.93 8.87 3.83
C GLY A 428 10.28 9.16 5.28
N MET A 429 9.34 9.78 5.99
CA MET A 429 9.56 10.09 7.39
C MET A 429 9.66 8.83 8.24
N GLY A 430 8.92 7.78 7.89
CA GLY A 430 9.01 6.53 8.62
C GLY A 430 10.38 5.89 8.53
N GLY A 431 11.05 6.02 7.38
CA GLY A 431 12.39 5.47 7.21
C GLY A 431 12.60 4.82 5.86
N THR A 432 11.57 4.82 5.02
CA THR A 432 11.65 4.21 3.70
C THR A 432 12.31 5.18 2.72
N ASN A 433 13.33 4.70 2.01
CA ASN A 433 14.07 5.49 1.05
C ASN A 433 14.08 4.79 -0.30
N CYS A 434 13.90 5.58 -1.37
CA CYS A 434 13.90 5.05 -2.73
C CYS A 434 14.74 5.94 -3.62
N HIS A 435 15.42 5.33 -4.59
CA HIS A 435 16.22 6.05 -5.57
C HIS A 435 16.02 5.43 -6.95
N VAL A 436 15.85 6.29 -7.95
CA VAL A 436 15.62 5.87 -9.32
C VAL A 436 16.67 6.54 -10.21
N VAL A 437 17.35 5.73 -11.02
CA VAL A 437 18.34 6.22 -11.97
C VAL A 437 17.74 6.14 -13.36
N VAL A 438 17.69 7.28 -14.06
CA VAL A 438 17.07 7.37 -15.37
C VAL A 438 18.02 8.09 -16.33
N SER A 439 18.18 7.54 -17.51
CA SER A 439 19.02 8.12 -18.56
C SER A 439 18.16 8.52 -19.75
N ALA A 440 18.78 9.27 -20.66
CA ALA A 440 18.10 9.71 -21.87
C ALA A 440 17.87 8.52 -22.81
N ALA A 441 16.91 8.70 -23.71
CA ALA A 441 16.58 7.65 -24.66
C ALA A 441 17.75 7.41 -25.61
N PRO A 442 18.03 6.16 -25.98
CA PRO A 442 19.13 5.83 -26.89
C PRO A 442 18.81 6.18 -28.35
N LEU A 465 -4.85 17.68 -46.80
CA LEU A 465 -4.47 17.24 -45.46
C LEU A 465 -5.57 17.54 -44.44
N PRO A 466 -6.61 16.71 -44.44
CA PRO A 466 -7.72 16.93 -43.50
C PRO A 466 -7.34 16.55 -42.08
N TRP A 467 -7.82 17.35 -41.13
CA TRP A 467 -7.60 17.13 -39.71
C TRP A 467 -8.93 16.79 -39.05
N VAL A 468 -8.97 15.68 -38.32
CA VAL A 468 -10.19 15.19 -37.69
C VAL A 468 -10.04 15.28 -36.18
N VAL A 469 -11.09 15.76 -35.52
CA VAL A 469 -11.16 15.82 -34.06
C VAL A 469 -12.47 15.21 -33.62
N SER A 470 -12.49 14.73 -32.38
CA SER A 470 -13.66 14.04 -31.84
C SER A 470 -13.87 14.44 -30.39
N ALA A 471 -15.14 14.43 -29.97
CA ALA A 471 -15.51 14.77 -28.61
C ALA A 471 -16.90 14.20 -28.33
N ARG A 472 -17.25 14.19 -27.04
CA ARG A 472 -18.53 13.68 -26.59
C ARG A 472 -19.59 14.76 -26.44
N SER A 473 -19.27 16.01 -26.74
CA SER A 473 -20.20 17.12 -26.59
C SER A 473 -19.81 18.22 -27.56
N PRO A 474 -20.77 18.96 -28.11
CA PRO A 474 -20.40 20.07 -29.01
C PRO A 474 -19.52 21.13 -28.34
N GLN A 475 -19.79 21.44 -27.07
CA GLN A 475 -18.91 22.34 -26.34
C GLN A 475 -17.52 21.73 -26.16
N ALA A 476 -17.46 20.43 -25.87
CA ALA A 476 -16.19 19.74 -25.79
C ALA A 476 -15.48 19.75 -27.14
N LEU A 477 -16.23 19.60 -28.22
CA LEU A 477 -15.63 19.65 -29.56
C LEU A 477 -15.03 21.03 -29.84
N ARG A 478 -15.76 22.09 -29.49
CA ARG A 478 -15.25 23.44 -29.67
C ARG A 478 -14.00 23.68 -28.83
N ASP A 479 -14.01 23.20 -27.58
CA ASP A 479 -12.85 23.36 -26.72
C ASP A 479 -11.64 22.60 -27.28
N GLN A 480 -11.87 21.39 -27.79
CA GLN A 480 -10.78 20.62 -28.39
C GLN A 480 -10.23 21.32 -29.62
N ALA A 481 -11.11 21.87 -30.47
CA ALA A 481 -10.65 22.59 -31.65
C ALA A 481 -9.83 23.83 -31.25
N GLY A 482 -10.30 24.57 -30.25
CA GLY A 482 -9.55 25.73 -29.79
C GLY A 482 -8.19 25.36 -29.22
N ARG A 483 -8.14 24.29 -28.42
CA ARG A 483 -6.86 23.85 -27.87
C ARG A 483 -5.92 23.37 -28.96
N LEU A 484 -6.44 22.67 -29.97
CA LEU A 484 -5.61 22.24 -31.09
C LEU A 484 -5.06 23.43 -31.86
N ALA A 485 -5.89 24.45 -32.08
CA ALA A 485 -5.42 25.66 -32.76
C ALA A 485 -4.35 26.37 -31.94
N ALA A 486 -4.55 26.46 -30.62
CA ALA A 486 -3.56 27.09 -29.75
C ALA A 486 -2.24 26.33 -29.77
N TRP A 487 -2.30 24.99 -29.73
CA TRP A 487 -1.08 24.19 -29.78
C TRP A 487 -0.39 24.34 -31.12
N ALA A 488 -1.15 24.43 -32.20
CA ALA A 488 -0.56 24.67 -33.52
C ALA A 488 0.14 26.02 -33.58
N ASP A 489 -0.47 27.05 -32.97
CA ASP A 489 0.18 28.36 -32.90
C ASP A 489 1.43 28.34 -32.05
N SER A 490 1.55 27.38 -31.12
CA SER A 490 2.74 27.28 -30.29
C SER A 490 3.94 26.83 -31.12
N PRO A 491 5.16 27.22 -30.72
CA PRO A 491 6.33 26.77 -31.48
C PRO A 491 6.50 25.26 -31.49
N ALA A 492 6.08 24.58 -30.43
CA ALA A 492 6.14 23.12 -30.42
C ALA A 492 5.27 22.53 -31.52
N GLY A 493 4.07 23.07 -31.69
CA GLY A 493 3.24 22.66 -32.82
C GLY A 493 3.83 23.07 -34.17
N ARG A 494 4.49 24.23 -34.21
CA ARG A 494 5.13 24.68 -35.43
C ARG A 494 6.27 23.76 -35.88
N GLU A 495 6.97 23.14 -34.93
CA GLU A 495 8.04 22.20 -35.28
C GLU A 495 7.51 20.90 -35.87
N ALA A 496 6.21 20.66 -35.84
CA ALA A 496 5.62 19.43 -36.37
C ALA A 496 4.98 19.70 -37.71
N SER A 497 5.29 18.85 -38.69
CA SER A 497 4.73 19.00 -40.02
C SER A 497 3.23 18.68 -40.01
N PRO A 498 2.45 19.31 -40.91
CA PRO A 498 1.01 19.03 -40.96
C PRO A 498 0.68 17.57 -41.23
N VAL A 499 1.47 16.89 -42.04
CA VAL A 499 1.19 15.49 -42.35
C VAL A 499 1.31 14.63 -41.09
N ASP A 500 2.38 14.85 -40.32
CA ASP A 500 2.57 14.10 -39.08
C ASP A 500 1.46 14.40 -38.08
N ILE A 501 1.05 15.67 -37.99
CA ILE A 501 -0.02 16.05 -37.07
C ILE A 501 -1.32 15.36 -37.46
N GLY A 502 -1.64 15.36 -38.76
CA GLY A 502 -2.85 14.69 -39.20
C GLY A 502 -2.82 13.20 -38.98
N TRP A 503 -1.67 12.56 -39.25
CA TRP A 503 -1.55 11.12 -39.02
C TRP A 503 -1.69 10.78 -37.54
N SER A 504 -1.08 11.59 -36.67
CA SER A 504 -1.20 11.35 -35.23
C SER A 504 -2.64 11.54 -34.76
N LEU A 505 -3.32 12.56 -35.27
CA LEU A 505 -4.72 12.77 -34.89
C LEU A 505 -5.60 11.61 -35.37
N ALA A 506 -5.35 11.11 -36.58
CA ALA A 506 -6.16 10.03 -37.12
C ALA A 506 -5.90 8.71 -36.39
N THR A 507 -4.65 8.43 -36.06
CA THR A 507 -4.26 7.13 -35.53
C THR A 507 -4.18 7.10 -34.01
N SER A 508 -3.44 8.02 -33.40
CA SER A 508 -3.17 7.96 -31.97
C SER A 508 -4.28 8.54 -31.12
N ARG A 509 -5.33 9.08 -31.72
CA ARG A 509 -6.45 9.66 -30.98
C ARG A 509 -7.71 8.83 -31.19
N THR A 510 -8.41 8.53 -30.11
CA THR A 510 -9.63 7.74 -30.17
C THR A 510 -10.75 8.55 -30.82
N HIS A 511 -11.63 7.85 -31.53
CA HIS A 511 -12.75 8.48 -32.22
C HIS A 511 -13.97 8.44 -31.30
N PHE A 512 -14.45 9.62 -30.92
CA PHE A 512 -15.61 9.74 -30.03
C PHE A 512 -16.88 9.82 -30.86
N GLU A 513 -17.99 10.17 -30.21
CA GLU A 513 -19.28 10.24 -30.90
C GLU A 513 -19.32 11.40 -31.89
N TYR A 514 -19.15 12.63 -31.41
CA TYR A 514 -19.22 13.79 -32.26
C TYR A 514 -17.88 14.03 -32.95
N ARG A 515 -17.92 14.27 -34.25
CA ARG A 515 -16.73 14.34 -35.09
C ARG A 515 -16.75 15.63 -35.90
N ALA A 516 -15.56 16.22 -36.06
CA ALA A 516 -15.40 17.42 -36.88
C ALA A 516 -14.17 17.25 -37.74
N VAL A 517 -14.33 17.37 -39.06
CA VAL A 517 -13.26 17.19 -40.03
C VAL A 517 -13.06 18.50 -40.78
N VAL A 518 -11.81 18.94 -40.87
CA VAL A 518 -11.45 20.17 -41.56
C VAL A 518 -10.48 19.86 -42.68
N SER A 519 -10.41 20.76 -43.65
CA SER A 519 -9.52 20.61 -44.80
C SER A 519 -8.85 21.95 -45.08
N GLY A 520 -7.67 21.87 -45.69
CA GLY A 520 -6.94 23.08 -46.01
C GLY A 520 -5.69 22.77 -46.80
N SER A 521 -4.93 23.82 -47.10
CA SER A 521 -3.70 23.73 -47.86
C SER A 521 -2.45 23.89 -47.01
N ASP A 522 -2.45 24.86 -46.08
CA ASP A 522 -1.29 25.08 -45.23
C ASP A 522 -1.72 25.16 -43.77
N ARG A 523 -0.76 25.47 -42.88
CA ARG A 523 -1.08 25.58 -41.46
C ARG A 523 -2.05 26.72 -41.18
N ASP A 524 -1.86 27.86 -41.87
CA ASP A 524 -2.67 29.04 -41.60
C ASP A 524 -4.15 28.78 -41.89
N GLU A 525 -4.45 28.12 -43.03
CA GLU A 525 -5.84 27.88 -43.38
C GLU A 525 -6.51 26.93 -42.39
N LEU A 526 -5.83 25.85 -42.02
CA LEU A 526 -6.39 24.91 -41.06
C LEU A 526 -6.61 25.56 -39.71
N VAL A 527 -5.65 26.37 -39.25
CA VAL A 527 -5.78 27.04 -37.96
C VAL A 527 -6.93 28.05 -37.99
N ALA A 528 -7.05 28.80 -39.09
CA ALA A 528 -8.15 29.76 -39.21
C ALA A 528 -9.49 29.05 -39.20
N SER A 529 -9.60 27.93 -39.92
CA SER A 529 -10.86 27.18 -39.91
C SER A 529 -11.17 26.64 -38.52
N LEU A 530 -10.15 26.12 -37.83
CA LEU A 530 -10.37 25.59 -36.49
C LEU A 530 -10.85 26.68 -35.53
N ARG A 531 -10.25 27.87 -35.60
CA ARG A 531 -10.75 28.98 -34.78
C ARG A 531 -12.16 29.38 -35.20
N ALA A 532 -12.46 29.37 -36.50
CA ALA A 532 -13.79 29.76 -36.96
C ALA A 532 -14.86 28.81 -36.43
N LEU A 533 -14.59 27.51 -36.44
CA LEU A 533 -15.55 26.54 -35.93
C LEU A 533 -15.47 26.35 -34.41
N ALA A 534 -14.51 27.00 -33.75
CA ALA A 534 -14.38 26.89 -32.29
C ALA A 534 -15.43 27.69 -31.54
N SER A 535 -16.18 28.55 -32.22
CA SER A 535 -17.21 29.35 -31.57
C SER A 535 -18.55 29.24 -32.30
N VAL A 568 -14.48 5.60 -40.69
CA VAL A 568 -13.59 5.97 -41.78
C VAL A 568 -12.16 5.57 -41.46
N ASP A 569 -11.52 4.87 -42.40
CA ASP A 569 -10.14 4.40 -42.23
C ASP A 569 -9.21 5.46 -42.81
N TRP A 570 -8.70 6.35 -41.94
CA TRP A 570 -7.78 7.39 -42.37
C TRP A 570 -6.34 6.90 -42.44
N THR A 571 -6.05 5.68 -41.97
CA THR A 571 -4.69 5.18 -42.01
C THR A 571 -4.20 5.02 -43.45
N ALA A 572 -5.05 4.52 -44.34
CA ALA A 572 -4.65 4.35 -45.73
C ALA A 572 -4.47 5.69 -46.43
N TYR A 573 -5.17 6.73 -45.98
CA TYR A 573 -5.03 8.05 -46.60
C TYR A 573 -3.62 8.60 -46.40
N PHE A 574 -3.06 8.44 -45.21
CA PHE A 574 -1.73 8.94 -44.92
C PHE A 574 -0.68 7.85 -45.14
N ALA A 579 4.46 7.98 -41.73
CA ALA A 579 4.85 9.18 -40.99
C ALA A 579 5.30 8.84 -39.59
N ALA A 580 5.72 9.85 -38.84
CA ALA A 580 6.20 9.69 -37.48
C ALA A 580 5.16 10.22 -36.49
N ARG A 581 4.97 9.49 -35.39
CA ARG A 581 4.02 9.89 -34.37
C ARG A 581 4.55 11.10 -33.60
N VAL A 582 3.67 12.07 -33.36
CA VAL A 582 4.02 13.28 -32.63
C VAL A 582 3.00 13.50 -31.53
N GLU A 583 3.41 14.22 -30.49
CA GLU A 583 2.53 14.50 -29.37
C GLU A 583 1.44 15.50 -29.76
N LEU A 584 0.27 15.33 -29.16
CA LEU A 584 -0.87 16.18 -29.38
C LEU A 584 -1.47 16.60 -28.04
N PRO A 585 -2.18 17.73 -28.00
CA PRO A 585 -2.84 18.12 -26.74
C PRO A 585 -3.88 17.10 -26.32
N THR A 586 -4.04 16.97 -25.00
CA THR A 586 -4.94 15.98 -24.43
C THR A 586 -6.40 16.42 -24.57
N TYR A 587 -7.29 15.62 -24.00
CA TYR A 587 -8.72 15.90 -24.08
C TYR A 587 -9.08 17.13 -23.24
N ALA A 588 -10.13 17.84 -23.67
CA ALA A 588 -10.63 19.01 -22.98
C ALA A 588 -11.81 18.60 -22.12
N PHE A 589 -11.60 18.54 -20.81
CA PHE A 589 -12.63 18.09 -19.88
C PHE A 589 -13.61 19.23 -19.58
N GLN A 590 -14.90 18.89 -19.59
CA GLN A 590 -15.96 19.81 -19.19
C GLN A 590 -16.29 19.51 -17.73
N ARG A 591 -15.72 20.30 -16.83
CA ARG A 591 -15.78 20.04 -15.40
C ARG A 591 -16.97 20.77 -14.78
N SER A 592 -17.72 20.06 -13.94
CA SER A 592 -18.84 20.62 -13.21
C SER A 592 -18.61 20.43 -11.72
N ARG A 593 -19.15 21.36 -10.93
CA ARG A 593 -18.95 21.34 -9.49
C ARG A 593 -19.60 20.11 -8.87
N HIS A 594 -18.85 19.43 -8.00
CA HIS A 594 -19.34 18.25 -7.30
C HIS A 594 -18.76 18.26 -5.89
N TRP A 595 -19.62 18.43 -4.89
CA TRP A 595 -19.18 18.51 -3.51
C TRP A 595 -20.28 17.99 -2.60
N LEU A 596 -19.88 17.58 -1.39
CA LEU A 596 -20.82 17.09 -0.40
C LEU A 596 -21.58 18.24 0.24
N GLU A 597 -22.80 17.95 0.68
CA GLU A 597 -23.63 18.95 1.34
C GLU A 597 -24.71 18.28 2.19
N GLU B 18 -41.74 11.40 -23.07
CA GLU B 18 -41.37 12.35 -22.02
C GLU B 18 -41.16 11.64 -20.69
N THR B 19 -41.43 10.33 -20.68
CA THR B 19 -41.26 9.53 -19.47
C THR B 19 -39.82 9.10 -19.25
N VAL B 20 -38.92 9.36 -20.18
CA VAL B 20 -37.52 9.00 -20.05
C VAL B 20 -36.65 10.22 -19.77
N ARG B 21 -36.93 11.35 -20.42
CA ARG B 21 -36.23 12.59 -20.09
C ARG B 21 -36.52 12.99 -18.65
N GLN B 22 -37.78 12.88 -18.24
CA GLN B 22 -38.16 13.06 -16.84
C GLN B 22 -38.24 11.70 -16.16
N LEU B 23 -38.31 11.73 -14.82
CA LEU B 23 -38.48 10.55 -13.98
C LEU B 23 -37.20 9.70 -13.96
N THR B 24 -36.21 10.08 -14.75
CA THR B 24 -34.92 9.40 -14.77
C THR B 24 -33.75 10.35 -14.52
N ALA B 25 -33.81 11.59 -14.99
CA ALA B 25 -32.76 12.55 -14.69
C ALA B 25 -32.70 12.86 -13.20
N HIS B 26 -33.87 12.96 -12.56
CA HIS B 26 -33.90 13.18 -11.12
C HIS B 26 -33.27 12.02 -10.36
N VAL B 27 -33.50 10.80 -10.83
CA VAL B 27 -32.86 9.63 -10.22
C VAL B 27 -31.34 9.72 -10.36
N LEU B 28 -30.86 10.09 -11.54
CA LEU B 28 -29.42 10.28 -11.74
C LEU B 28 -28.89 11.49 -10.98
N GLY B 29 -29.76 12.42 -10.59
CA GLY B 29 -29.34 13.60 -9.87
C GLY B 29 -29.08 14.83 -10.70
N LEU B 30 -29.39 14.78 -12.00
CA LEU B 30 -29.18 15.94 -12.85
C LEU B 30 -30.22 17.02 -12.55
N THR B 31 -29.90 18.25 -12.94
CA THR B 31 -30.77 19.39 -12.70
C THR B 31 -31.81 19.58 -13.80
N ALA B 32 -31.40 19.45 -15.06
CA ALA B 32 -32.29 19.65 -16.20
C ALA B 32 -32.52 18.32 -16.90
N ALA B 33 -33.78 18.09 -17.32
CA ALA B 33 -34.13 16.87 -18.01
C ALA B 33 -33.56 16.79 -19.42
N ALA B 34 -33.06 17.90 -19.97
CA ALA B 34 -32.49 17.90 -21.31
C ALA B 34 -31.03 17.44 -21.34
N ASP B 35 -30.44 17.16 -20.19
CA ASP B 35 -29.04 16.75 -20.11
C ASP B 35 -28.85 15.25 -20.33
N VAL B 36 -29.93 14.49 -20.52
CA VAL B 36 -29.84 13.06 -20.76
C VAL B 36 -29.92 12.80 -22.25
N GLU B 37 -29.18 11.78 -22.71
CA GLU B 37 -29.14 11.40 -24.11
C GLU B 37 -29.54 9.94 -24.25
N MET B 38 -30.48 9.67 -25.15
CA MET B 38 -30.92 8.30 -25.42
C MET B 38 -30.02 7.61 -26.44
N THR B 39 -28.72 7.62 -26.17
CA THR B 39 -27.74 6.98 -27.05
C THR B 39 -26.74 6.10 -26.31
N ARG B 40 -26.52 6.32 -25.01
CA ARG B 40 -25.60 5.53 -24.22
C ARG B 40 -26.36 4.50 -23.40
N SER B 41 -25.67 3.41 -23.06
CA SER B 41 -26.29 2.36 -22.28
C SER B 41 -26.53 2.83 -20.84
N PHE B 42 -27.37 2.07 -20.12
CA PHE B 42 -27.66 2.42 -18.73
C PHE B 42 -26.42 2.35 -17.87
N LYS B 43 -25.58 1.32 -18.08
CA LYS B 43 -24.32 1.22 -17.36
C LYS B 43 -23.41 2.40 -17.68
N ASP B 44 -23.38 2.83 -18.94
CA ASP B 44 -22.58 3.98 -19.33
C ASP B 44 -23.07 5.29 -18.71
N LEU B 45 -24.30 5.32 -18.19
CA LEU B 45 -24.82 6.50 -17.51
C LEU B 45 -24.59 6.46 -16.01
N GLY B 46 -24.01 5.38 -15.49
CA GLY B 46 -23.77 5.27 -14.06
C GLY B 46 -24.91 4.61 -13.31
N PHE B 47 -25.36 3.46 -13.79
CA PHE B 47 -26.46 2.72 -13.19
C PHE B 47 -25.96 1.40 -12.62
N ASP B 48 -26.26 1.15 -11.35
CA ASP B 48 -25.96 -0.12 -10.70
C ASP B 48 -27.27 -0.83 -10.36
N SER B 49 -27.15 -1.95 -9.63
CA SER B 49 -28.32 -2.75 -9.30
C SER B 49 -29.32 -1.97 -8.46
N LEU B 50 -28.83 -1.23 -7.45
CA LEU B 50 -29.73 -0.46 -6.61
C LEU B 50 -30.45 0.63 -7.40
N MET B 51 -29.71 1.36 -8.25
CA MET B 51 -30.34 2.37 -9.08
C MET B 51 -31.30 1.76 -10.09
N SER B 52 -30.97 0.59 -10.64
CA SER B 52 -31.89 -0.08 -11.55
C SER B 52 -33.19 -0.45 -10.84
N VAL B 53 -33.09 -0.99 -9.62
CA VAL B 53 -34.29 -1.34 -8.86
C VAL B 53 -35.11 -0.10 -8.55
N GLU B 54 -34.44 0.99 -8.15
CA GLU B 54 -35.15 2.22 -7.85
C GLU B 54 -35.85 2.78 -9.09
N LEU B 55 -35.17 2.73 -10.24
CA LEU B 55 -35.76 3.22 -11.48
C LEU B 55 -36.97 2.37 -11.88
N ARG B 56 -36.87 1.05 -11.75
CA ARG B 56 -38.01 0.20 -12.05
C ARG B 56 -39.18 0.48 -11.13
N ASP B 57 -38.91 0.66 -9.83
CA ASP B 57 -39.98 0.95 -8.89
C ASP B 57 -40.64 2.29 -9.19
N ARG B 58 -39.84 3.30 -9.54
CA ARG B 58 -40.40 4.61 -9.85
C ARG B 58 -41.20 4.59 -11.14
N LEU B 59 -40.71 3.86 -12.15
CA LEU B 59 -41.42 3.80 -13.43
C LEU B 59 -42.68 2.95 -13.33
N CYS B 60 -42.73 2.01 -12.38
CA CYS B 60 -43.93 1.19 -12.22
C CYS B 60 -45.13 2.02 -11.82
N ALA B 61 -44.91 3.11 -11.08
CA ALA B 61 -46.02 3.97 -10.69
C ALA B 61 -46.58 4.78 -11.85
N ALA B 62 -45.81 4.93 -12.93
CA ALA B 62 -46.27 5.69 -14.09
C ALA B 62 -45.80 5.03 -15.39
N THR B 70 -35.98 -7.14 -14.22
CA THR B 70 -34.80 -7.15 -15.08
C THR B 70 -35.11 -6.57 -16.46
N LEU B 71 -36.11 -5.68 -16.50
CA LEU B 71 -36.48 -5.06 -17.77
C LEU B 71 -35.39 -4.13 -18.28
N LEU B 72 -34.60 -3.54 -17.39
CA LEU B 72 -33.52 -2.66 -17.82
C LEU B 72 -32.42 -3.46 -18.53
N TYR B 73 -32.13 -4.67 -18.04
CA TYR B 73 -31.11 -5.49 -18.69
C TYR B 73 -31.58 -6.00 -20.05
N ASP B 74 -32.89 -6.24 -20.20
CA ASP B 74 -33.41 -6.68 -21.49
C ASP B 74 -33.22 -5.60 -22.56
N HIS B 75 -33.48 -4.34 -22.19
CA HIS B 75 -33.29 -3.20 -23.10
C HIS B 75 -32.41 -2.19 -22.39
N PRO B 76 -31.08 -2.29 -22.58
CA PRO B 76 -30.15 -1.42 -21.85
C PRO B 76 -30.05 0.00 -22.40
N SER B 77 -30.93 0.42 -23.29
CA SER B 77 -30.88 1.76 -23.84
C SER B 77 -32.15 2.53 -23.50
N PRO B 78 -32.02 3.79 -23.09
CA PRO B 78 -33.23 4.59 -22.80
C PRO B 78 -34.13 4.76 -24.00
N ALA B 79 -33.57 4.82 -25.21
CA ALA B 79 -34.39 4.97 -26.41
C ALA B 79 -35.31 3.77 -26.60
N GLU B 80 -34.79 2.56 -26.37
CA GLU B 80 -35.61 1.36 -26.50
C GLU B 80 -36.75 1.36 -25.49
N THR B 81 -36.47 1.77 -24.25
CA THR B 81 -37.52 1.83 -23.23
C THR B 81 -38.52 2.95 -23.50
N ALA B 82 -38.10 3.99 -24.24
CA ALA B 82 -39.01 5.10 -24.53
C ALA B 82 -40.19 4.65 -25.37
N GLU B 83 -39.95 3.78 -26.36
CA GLU B 83 -41.01 3.32 -27.24
C GLU B 83 -42.01 2.41 -26.55
N PHE B 84 -41.70 1.91 -25.35
CA PHE B 84 -42.60 1.02 -24.62
C PHE B 84 -43.72 1.78 -23.91
N VAL B 85 -43.61 3.08 -23.75
CA VAL B 85 -44.64 3.88 -23.09
C VAL B 85 -45.06 5.04 -23.97
N GLU C 16 10.54 -20.26 -7.86
CA GLU C 16 11.32 -20.76 -6.73
C GLU C 16 10.45 -20.91 -5.48
N PRO C 17 10.49 -22.09 -4.87
CA PRO C 17 9.67 -22.32 -3.68
C PRO C 17 10.12 -21.46 -2.51
N ILE C 18 9.17 -21.12 -1.65
CA ILE C 18 9.42 -20.30 -0.46
C ILE C 18 9.05 -21.11 0.78
N ALA C 19 9.93 -21.09 1.78
CA ALA C 19 9.75 -21.88 2.99
C ALA C 19 9.21 -21.00 4.11
N VAL C 20 8.19 -21.48 4.82
CA VAL C 20 7.64 -20.78 5.96
C VAL C 20 8.22 -21.41 7.22
N ILE C 21 8.81 -20.59 8.08
CA ILE C 21 9.52 -21.07 9.26
C ILE C 21 8.83 -20.68 10.57
N GLY C 22 7.76 -19.89 10.50
CA GLY C 22 7.06 -19.51 11.71
C GLY C 22 5.88 -18.61 11.39
N LEU C 23 4.97 -18.55 12.35
CA LEU C 23 3.76 -17.75 12.19
C LEU C 23 3.23 -17.36 13.56
N SER C 24 2.41 -16.31 13.57
CA SER C 24 1.74 -15.85 14.78
C SER C 24 0.41 -15.25 14.38
N CYS C 25 -0.56 -15.31 15.29
CA CYS C 25 -1.90 -14.83 14.99
C CYS C 25 -2.56 -14.34 16.27
N ARG C 26 -3.57 -13.48 16.09
CA ARG C 26 -4.39 -13.01 17.20
C ARG C 26 -5.81 -12.91 16.66
N LEU C 27 -6.66 -13.83 17.08
CA LEU C 27 -8.03 -13.99 16.59
C LEU C 27 -8.97 -14.10 17.77
N PRO C 28 -10.26 -13.81 17.57
CA PRO C 28 -11.23 -13.95 18.67
C PRO C 28 -11.23 -15.37 19.22
N LYS C 29 -11.12 -15.48 20.54
CA LYS C 29 -11.06 -16.75 21.25
C LYS C 29 -9.89 -17.63 20.79
N ALA C 30 -8.86 -17.03 20.19
CA ALA C 30 -7.69 -17.78 19.73
C ALA C 30 -6.49 -16.84 19.78
N SER C 31 -5.71 -16.93 20.85
CA SER C 31 -4.54 -16.09 21.03
C SER C 31 -3.26 -16.72 20.50
N GLY C 32 -3.35 -17.91 19.91
CA GLY C 32 -2.19 -18.58 19.38
C GLY C 32 -2.56 -19.68 18.40
N PRO C 33 -1.57 -20.21 17.68
CA PRO C 33 -1.86 -21.31 16.73
C PRO C 33 -2.49 -22.52 17.40
N GLN C 34 -2.05 -22.88 18.61
CA GLN C 34 -2.65 -23.99 19.32
C GLN C 34 -4.10 -23.69 19.68
N GLU C 35 -4.38 -22.48 20.17
CA GLU C 35 -5.76 -22.11 20.49
C GLU C 35 -6.63 -22.09 19.24
N LEU C 36 -6.09 -21.59 18.13
CA LEU C 36 -6.85 -21.58 16.88
C LEU C 36 -7.16 -23.00 16.41
N TRP C 37 -6.18 -23.90 16.50
CA TRP C 37 -6.42 -25.29 16.12
C TRP C 37 -7.45 -25.95 17.03
N GLN C 38 -7.38 -25.66 18.33
CA GLN C 38 -8.37 -26.20 19.26
C GLN C 38 -9.77 -25.69 18.92
N LEU C 39 -9.89 -24.40 18.62
CA LEU C 39 -11.19 -23.84 18.28
C LEU C 39 -11.73 -24.42 16.98
N LEU C 40 -10.88 -24.57 15.97
CA LEU C 40 -11.35 -25.09 14.68
C LEU C 40 -11.71 -26.57 14.76
N ASP C 41 -10.89 -27.36 15.46
CA ASP C 41 -11.16 -28.80 15.57
C ASP C 41 -12.45 -29.06 16.34
N ASP C 42 -12.69 -28.30 17.41
CA ASP C 42 -13.90 -28.47 18.20
C ASP C 42 -15.17 -28.02 17.49
N GLY C 43 -15.03 -27.32 16.36
CA GLY C 43 -16.19 -26.84 15.63
C GLY C 43 -16.98 -25.78 16.36
N ALA C 44 -16.31 -24.87 17.05
CA ALA C 44 -16.95 -23.79 17.78
C ALA C 44 -16.88 -22.49 17.00
N SER C 45 -17.79 -21.58 17.32
CA SER C 45 -17.87 -20.27 16.68
C SER C 45 -17.56 -19.19 17.69
N ALA C 46 -16.65 -18.28 17.33
CA ALA C 46 -16.25 -17.19 18.20
C ALA C 46 -17.09 -15.93 17.99
N VAL C 47 -18.09 -15.97 17.13
CA VAL C 47 -18.93 -14.80 16.87
C VAL C 47 -19.93 -14.67 18.02
N THR C 48 -19.76 -13.64 18.84
CA THR C 48 -20.65 -13.40 19.96
C THR C 48 -21.30 -12.02 19.83
N ARG C 49 -22.07 -11.63 20.86
CA ARG C 49 -22.71 -10.32 20.85
C ARG C 49 -21.70 -9.22 21.13
N VAL C 50 -22.11 -7.99 20.84
CA VAL C 50 -21.25 -6.82 21.05
C VAL C 50 -21.12 -6.57 22.55
N PRO C 51 -19.88 -6.50 23.08
CA PRO C 51 -19.66 -6.26 24.52
C PRO C 51 -19.78 -4.79 24.88
N TRP C 74 -23.26 -8.42 16.89
CA TRP C 74 -22.88 -9.71 16.33
C TRP C 74 -21.56 -9.61 15.59
N GLY C 75 -20.55 -10.29 16.10
CA GLY C 75 -19.25 -10.30 15.44
C GLY C 75 -18.18 -10.84 16.37
N GLY C 76 -16.98 -11.00 15.80
CA GLY C 76 -15.84 -11.45 16.57
C GLY C 76 -15.08 -10.28 17.14
N PHE C 77 -14.68 -10.40 18.40
CA PHE C 77 -13.99 -9.34 19.11
C PHE C 77 -12.72 -9.86 19.76
N LEU C 78 -11.77 -8.96 19.97
CA LEU C 78 -10.44 -9.31 20.46
C LEU C 78 -10.24 -9.07 21.94
N ASP C 79 -11.27 -9.33 22.76
CA ASP C 79 -11.23 -9.31 24.23
C ASP C 79 -10.28 -8.24 24.81
N ARG C 80 -10.61 -6.98 24.55
CA ARG C 80 -9.89 -5.79 25.01
C ARG C 80 -8.65 -5.55 24.15
N VAL C 81 -8.60 -4.38 23.52
CA VAL C 81 -7.50 -4.02 22.62
C VAL C 81 -6.84 -2.75 23.12
N ASP C 82 -7.21 -2.32 24.33
CA ASP C 82 -6.68 -1.11 24.94
C ASP C 82 -5.50 -1.38 25.86
N THR C 83 -4.97 -2.59 25.85
CA THR C 83 -3.87 -2.98 26.72
C THR C 83 -2.60 -3.20 25.88
N PHE C 84 -1.47 -2.76 26.42
CA PHE C 84 -0.20 -2.85 25.71
C PHE C 84 0.93 -2.90 26.71
N ASP C 85 2.01 -3.60 26.34
CA ASP C 85 3.23 -3.66 27.12
C ASP C 85 4.18 -2.60 26.55
N ALA C 86 4.04 -1.37 27.05
CA ALA C 86 4.84 -0.27 26.53
C ALA C 86 6.31 -0.42 26.90
N GLY C 87 6.61 -0.94 28.09
CA GLY C 87 8.00 -1.06 28.53
C GLY C 87 8.81 -2.08 27.78
N PHE C 88 8.16 -3.09 27.19
CA PHE C 88 8.88 -4.12 26.46
C PHE C 88 9.55 -3.57 25.21
N PHE C 89 8.85 -2.68 24.49
CA PHE C 89 9.35 -2.10 23.26
C PHE C 89 10.01 -0.75 23.45
N GLY C 90 10.21 -0.32 24.70
CA GLY C 90 10.82 0.96 24.97
C GLY C 90 10.01 2.14 24.50
N ILE C 91 8.70 2.11 24.78
CA ILE C 91 7.78 3.16 24.36
C ILE C 91 7.21 3.82 25.60
N SER C 92 7.27 5.15 25.64
CA SER C 92 6.73 5.89 26.77
C SER C 92 5.21 5.72 26.83
N PRO C 93 4.64 5.72 28.04
CA PRO C 93 3.18 5.58 28.15
C PRO C 93 2.41 6.67 27.42
N ARG C 94 2.92 7.92 27.43
CA ARG C 94 2.25 8.98 26.70
C ARG C 94 2.23 8.71 25.20
N GLU C 95 3.34 8.23 24.66
CA GLU C 95 3.39 7.90 23.24
C GLU C 95 2.45 6.74 22.91
N ALA C 96 2.41 5.73 23.77
CA ALA C 96 1.56 4.57 23.51
C ALA C 96 0.08 4.91 23.68
N ALA C 97 -0.24 5.93 24.48
CA ALA C 97 -1.63 6.30 24.67
C ALA C 97 -2.28 6.78 23.38
N ALA C 98 -1.57 7.58 22.58
CA ALA C 98 -2.08 8.09 21.32
C ALA C 98 -1.72 7.21 20.13
N MET C 99 -1.02 6.10 20.36
CA MET C 99 -0.62 5.20 19.30
C MET C 99 -1.78 4.29 18.89
N ASP C 100 -1.81 3.96 17.60
CA ASP C 100 -2.83 3.05 17.09
C ASP C 100 -2.62 1.66 17.69
N PRO C 101 -3.65 1.07 18.29
CA PRO C 101 -3.50 -0.31 18.79
C PRO C 101 -3.15 -1.31 17.72
N GLN C 102 -3.45 -1.02 16.45
CA GLN C 102 -3.05 -1.91 15.37
C GLN C 102 -1.54 -2.03 15.28
N GLN C 103 -0.82 -0.92 15.46
CA GLN C 103 0.64 -0.96 15.44
C GLN C 103 1.17 -1.84 16.55
N ARG C 104 0.63 -1.70 17.76
CA ARG C 104 1.06 -2.52 18.88
C ARG C 104 0.76 -4.00 18.63
N LEU C 105 -0.42 -4.29 18.09
CA LEU C 105 -0.77 -5.68 17.80
C LEU C 105 0.17 -6.29 16.76
N VAL C 106 0.50 -5.52 15.71
CA VAL C 106 1.40 -6.02 14.69
C VAL C 106 2.80 -6.21 15.25
N LEU C 107 3.26 -5.31 16.12
CA LEU C 107 4.57 -5.47 16.74
C LEU C 107 4.62 -6.73 17.59
N GLU C 108 3.59 -6.95 18.41
CA GLU C 108 3.54 -8.16 19.22
C GLU C 108 3.48 -9.42 18.35
N LEU C 109 2.71 -9.38 17.27
CA LEU C 109 2.62 -10.53 16.38
C LEU C 109 3.96 -10.82 15.72
N SER C 110 4.67 -9.78 15.29
CA SER C 110 5.99 -9.98 14.68
C SER C 110 6.97 -10.54 15.69
N TRP C 111 6.95 -10.04 16.92
CA TRP C 111 7.84 -10.58 17.95
C TRP C 111 7.53 -12.05 18.23
N GLU C 112 6.24 -12.39 18.32
CA GLU C 112 5.86 -13.78 18.56
C GLU C 112 6.28 -14.68 17.40
N ALA C 113 6.10 -14.21 16.17
CA ALA C 113 6.50 -15.00 15.01
C ALA C 113 8.00 -15.21 14.97
N LEU C 114 8.78 -14.16 15.30
CA LEU C 114 10.23 -14.32 15.36
C LEU C 114 10.65 -15.28 16.46
N GLU C 115 9.99 -15.22 17.62
CA GLU C 115 10.31 -16.15 18.70
C GLU C 115 9.98 -17.58 18.32
N GLY C 116 8.84 -17.80 17.65
CA GLY C 116 8.43 -19.14 17.26
C GLY C 116 9.17 -19.70 16.08
N ALA C 117 9.94 -18.88 15.37
CA ALA C 117 10.72 -19.33 14.22
C ALA C 117 12.13 -19.78 14.59
N GLY C 118 12.49 -19.71 15.86
CA GLY C 118 13.82 -20.11 16.29
C GLY C 118 14.91 -19.11 16.01
N LEU C 119 14.57 -17.89 15.60
CA LEU C 119 15.55 -16.86 15.29
C LEU C 119 15.54 -15.80 16.37
N VAL C 120 16.73 -15.48 16.89
CA VAL C 120 16.87 -14.44 17.90
C VAL C 120 16.75 -13.08 17.22
N PRO C 121 15.84 -12.21 17.69
CA PRO C 121 15.70 -10.89 17.06
C PRO C 121 16.97 -10.06 17.11
N ALA C 122 17.78 -10.20 18.17
CA ALA C 122 19.00 -9.41 18.28
C ALA C 122 20.00 -9.73 17.17
N THR C 123 19.91 -10.93 16.58
CA THR C 123 20.78 -11.28 15.46
C THR C 123 20.26 -10.77 14.12
N LEU C 124 19.07 -10.17 14.09
CA LEU C 124 18.50 -9.64 12.87
C LEU C 124 18.78 -8.16 12.67
N ARG C 125 19.54 -7.54 13.57
CA ARG C 125 19.86 -6.13 13.42
C ARG C 125 20.79 -5.89 12.24
N ASP C 126 20.58 -4.77 11.54
CA ASP C 126 21.39 -4.39 10.38
C ASP C 126 21.41 -5.48 9.32
N THR C 127 20.25 -6.10 9.08
CA THR C 127 20.11 -7.15 8.08
C THR C 127 19.05 -6.75 7.07
N GLY C 128 19.05 -7.45 5.94
CA GLY C 128 18.09 -7.18 4.89
C GLY C 128 16.76 -7.88 5.10
N LEU C 129 16.07 -7.51 6.18
CA LEU C 129 14.77 -8.09 6.50
C LEU C 129 13.66 -7.15 6.08
N GLY C 130 12.73 -7.65 5.28
CA GLY C 130 11.63 -6.85 4.78
C GLY C 130 10.34 -7.09 5.55
N VAL C 131 9.53 -6.05 5.64
CA VAL C 131 8.25 -6.10 6.34
C VAL C 131 7.16 -5.68 5.37
N PHE C 132 6.13 -6.51 5.24
CA PHE C 132 4.99 -6.23 4.36
C PHE C 132 3.72 -6.49 5.16
N VAL C 133 3.01 -5.42 5.52
CA VAL C 133 1.78 -5.50 6.30
C VAL C 133 0.67 -4.82 5.52
N GLY C 134 -0.46 -5.51 5.39
CA GLY C 134 -1.60 -4.97 4.68
C GLY C 134 -2.66 -4.43 5.60
N ALA C 135 -2.77 -3.09 5.67
CA ALA C 135 -3.74 -2.42 6.52
C ALA C 135 -4.63 -1.53 5.66
N ALA C 136 -5.93 -1.57 5.93
CA ALA C 136 -6.90 -0.78 5.18
C ALA C 136 -7.96 -0.16 6.07
N ARG C 137 -7.59 0.19 7.31
CA ARG C 137 -8.56 0.72 8.24
C ARG C 137 -7.85 1.64 9.24
N ASP C 138 -8.49 2.76 9.54
CA ASP C 138 -7.93 3.78 10.44
C ASP C 138 -8.99 4.25 11.44
N ASP C 139 -9.64 3.29 12.09
CA ASP C 139 -10.71 3.63 13.03
C ASP C 139 -10.17 4.39 14.23
N TYR C 140 -8.93 4.11 14.65
CA TYR C 140 -8.36 4.85 15.76
C TYR C 140 -8.19 6.33 15.43
N ALA C 141 -7.73 6.63 14.21
CA ALA C 141 -7.64 8.03 13.80
C ALA C 141 -9.02 8.66 13.70
N THR C 142 -10.01 7.88 13.23
CA THR C 142 -11.38 8.37 13.20
C THR C 142 -11.86 8.75 14.59
N LEU C 143 -11.60 7.91 15.59
CA LEU C 143 -12.02 8.21 16.95
C LEU C 143 -11.25 9.42 17.50
N TYR C 144 -9.94 9.48 17.26
CA TYR C 144 -9.12 10.52 17.85
C TYR C 144 -9.46 11.89 17.26
N ARG C 145 -9.75 11.94 15.96
CA ARG C 145 -10.02 13.23 15.30
C ARG C 145 -11.35 13.85 15.71
N ARG C 146 -12.21 13.12 16.42
CA ARG C 146 -13.45 13.72 16.94
C ARG C 146 -13.17 14.55 18.19
N ASP C 153 -0.50 17.20 20.15
CA ASP C 153 0.72 16.43 20.51
C ASP C 153 1.60 16.27 19.27
N HIS C 154 2.78 15.67 19.44
CA HIS C 154 3.69 15.42 18.28
C HIS C 154 3.69 13.92 17.97
N HIS C 155 3.02 13.13 18.83
CA HIS C 155 2.94 11.67 18.63
C HIS C 155 1.71 11.35 17.80
N ALA C 156 0.75 12.28 17.74
CA ALA C 156 -0.44 12.09 16.90
C ALA C 156 0.01 11.77 15.48
N MET C 157 1.04 12.45 15.01
CA MET C 157 1.59 12.19 13.65
C MET C 157 2.07 10.74 13.53
N THR C 158 3.06 10.35 14.32
CA THR C 158 3.65 9.00 14.21
C THR C 158 2.67 7.93 14.67
N GLY C 159 1.64 8.31 15.45
CA GLY C 159 0.71 7.32 16.00
C GLY C 159 -0.49 7.07 15.09
N LEU C 160 -0.84 8.03 14.23
CA LEU C 160 -2.00 7.88 13.38
C LEU C 160 -1.66 7.68 11.91
N HIS C 161 -0.45 7.25 11.59
CA HIS C 161 -0.02 7.03 10.22
C HIS C 161 -0.05 5.55 9.90
N ARG C 162 -0.63 5.19 8.76
CA ARG C 162 -0.77 3.79 8.39
C ARG C 162 0.56 3.16 8.01
N SER C 163 1.46 3.93 7.40
CA SER C 163 2.73 3.36 6.95
C SER C 163 3.57 2.87 8.12
N LEU C 164 3.64 3.66 9.20
CA LEU C 164 4.49 3.32 10.32
C LEU C 164 4.13 1.97 10.94
N ILE C 165 2.90 1.49 10.72
CA ILE C 165 2.51 0.16 11.17
C ILE C 165 3.57 -0.86 10.80
N ALA C 166 4.15 -0.74 9.61
CA ALA C 166 5.29 -1.57 9.24
C ALA C 166 6.62 -0.92 9.62
N ASN C 167 6.72 0.40 9.44
CA ASN C 167 8.00 1.08 9.61
C ASN C 167 8.50 0.95 11.05
N ARG C 168 7.60 1.05 12.02
CA ARG C 168 7.99 0.88 13.42
C ARG C 168 8.69 -0.46 13.64
N ILE C 169 8.23 -1.51 12.94
CA ILE C 169 8.90 -2.80 13.04
C ILE C 169 10.35 -2.68 12.58
N SER C 170 10.56 -2.02 11.44
CA SER C 170 11.92 -1.80 10.96
C SER C 170 12.71 -0.95 11.96
N TYR C 171 12.02 -0.12 12.74
CA TYR C 171 12.69 0.63 13.79
C TYR C 171 12.99 -0.27 14.99
N ALA C 172 12.08 -1.21 15.29
CA ALA C 172 12.28 -2.09 16.43
C ALA C 172 13.34 -3.15 16.15
N LEU C 173 13.31 -3.74 14.96
CA LEU C 173 14.25 -4.81 14.61
C LEU C 173 15.54 -4.28 14.00
N GLY C 174 15.60 -3.00 13.63
CA GLY C 174 16.77 -2.46 12.97
C GLY C 174 17.08 -3.11 11.63
N ALA C 175 16.04 -3.39 10.84
CA ALA C 175 16.21 -4.07 9.57
C ALA C 175 16.39 -3.06 8.44
N HIS C 176 17.20 -3.44 7.45
CA HIS C 176 17.49 -2.59 6.32
C HIS C 176 16.66 -2.93 5.09
N GLY C 177 15.76 -3.91 5.18
CA GLY C 177 14.94 -4.30 4.06
C GLY C 177 13.79 -3.34 3.84
N PRO C 178 13.16 -3.47 2.67
CA PRO C 178 12.03 -2.59 2.35
C PRO C 178 10.86 -2.82 3.30
N SER C 179 10.15 -1.74 3.60
CA SER C 179 8.98 -1.78 4.47
C SER C 179 7.89 -0.91 3.84
N MET C 180 6.77 -1.53 3.46
CA MET C 180 5.69 -0.82 2.81
C MET C 180 4.36 -1.37 3.30
N VAL C 181 3.31 -0.58 3.14
CA VAL C 181 1.95 -0.96 3.50
C VAL C 181 1.11 -0.96 2.23
N VAL C 182 0.44 -2.08 1.97
CA VAL C 182 -0.36 -2.26 0.76
C VAL C 182 -1.84 -2.18 1.12
N ASP C 183 -2.64 -1.70 0.18
CA ASP C 183 -4.08 -1.50 0.39
C ASP C 183 -4.80 -1.95 -0.89
N THR C 184 -5.27 -3.20 -0.89
CA THR C 184 -6.05 -3.75 -2.00
C THR C 184 -7.45 -4.16 -1.56
N GLY C 185 -7.88 -3.73 -0.38
CA GLY C 185 -9.18 -4.10 0.13
C GLY C 185 -9.13 -5.24 1.14
N CYS C 186 -9.88 -6.31 0.89
CA CYS C 186 -9.90 -7.47 1.77
C CYS C 186 -8.80 -8.47 1.44
N SER C 187 -8.08 -8.29 0.34
CA SER C 187 -6.99 -9.16 -0.04
C SER C 187 -5.63 -8.51 0.14
N SER C 188 -5.54 -7.51 1.02
CA SER C 188 -4.28 -6.80 1.22
C SER C 188 -3.20 -7.74 1.79
N SER C 189 -3.59 -8.62 2.72
CA SER C 189 -2.61 -9.51 3.33
C SER C 189 -2.01 -10.48 2.32
N LEU C 190 -2.86 -11.06 1.45
CA LEU C 190 -2.34 -11.98 0.45
C LEU C 190 -1.47 -11.27 -0.57
N VAL C 191 -1.83 -10.03 -0.93
CA VAL C 191 -0.99 -9.25 -1.83
C VAL C 191 0.36 -8.96 -1.18
N ALA C 192 0.36 -8.64 0.11
CA ALA C 192 1.62 -8.42 0.82
C ALA C 192 2.47 -9.68 0.87
N VAL C 193 1.83 -10.83 1.07
CA VAL C 193 2.55 -12.10 1.07
C VAL C 193 3.18 -12.35 -0.30
N HIS C 194 2.41 -12.09 -1.37
CA HIS C 194 2.94 -12.26 -2.71
C HIS C 194 4.10 -11.33 -2.98
N LEU C 195 4.00 -10.07 -2.54
CA LEU C 195 5.09 -9.12 -2.72
C LEU C 195 6.33 -9.55 -1.96
N ALA C 196 6.16 -10.04 -0.72
CA ALA C 196 7.29 -10.53 0.05
C ALA C 196 7.95 -11.72 -0.64
N CYS C 197 7.14 -12.64 -1.19
CA CYS C 197 7.68 -13.79 -1.90
C CYS C 197 8.45 -13.34 -3.14
N GLU C 198 7.92 -12.37 -3.89
CA GLU C 198 8.62 -11.87 -5.06
C GLU C 198 9.93 -11.19 -4.68
N SER C 199 9.92 -10.40 -3.60
CA SER C 199 11.14 -9.76 -3.14
C SER C 199 12.19 -10.79 -2.72
N LEU C 200 11.75 -11.86 -2.03
CA LEU C 200 12.68 -12.92 -1.66
C LEU C 200 13.24 -13.61 -2.90
N ARG C 201 12.39 -13.86 -3.90
CA ARG C 201 12.85 -14.50 -5.12
C ARG C 201 13.87 -13.64 -5.86
N ARG C 202 13.62 -12.32 -5.91
CA ARG C 202 14.53 -11.41 -6.58
C ARG C 202 15.81 -11.14 -5.77
N GLY C 203 15.86 -11.59 -4.52
CA GLY C 203 17.05 -11.41 -3.70
C GLY C 203 17.13 -10.10 -2.96
N GLU C 204 16.09 -9.27 -3.01
CA GLU C 204 16.12 -7.99 -2.30
C GLU C 204 16.15 -8.19 -0.79
N SER C 205 15.39 -9.17 -0.28
CA SER C 205 15.30 -9.42 1.14
C SER C 205 15.73 -10.85 1.45
N ASP C 206 16.33 -11.02 2.63
CA ASP C 206 16.75 -12.35 3.10
C ASP C 206 15.65 -13.05 3.88
N ILE C 207 14.99 -12.32 4.77
CA ILE C 207 13.86 -12.82 5.54
C ILE C 207 12.75 -11.79 5.47
N ALA C 208 11.51 -12.25 5.32
CA ALA C 208 10.37 -11.36 5.16
C ALA C 208 9.31 -11.66 6.21
N LEU C 209 8.60 -10.62 6.63
CA LEU C 209 7.45 -10.75 7.52
C LEU C 209 6.22 -10.26 6.76
N ALA C 210 5.24 -11.15 6.59
CA ALA C 210 4.08 -10.84 5.76
C ALA C 210 2.79 -11.18 6.49
N GLY C 211 1.81 -10.28 6.38
CA GLY C 211 0.54 -10.52 7.05
C GLY C 211 -0.34 -9.29 7.04
N GLY C 212 -1.27 -9.24 7.99
CA GLY C 212 -2.20 -8.13 8.05
C GLY C 212 -2.81 -8.00 9.43
N VAL C 213 -3.66 -6.97 9.56
CA VAL C 213 -4.33 -6.67 10.82
C VAL C 213 -5.58 -5.86 10.50
N ASN C 214 -6.58 -5.94 11.37
CA ASN C 214 -7.81 -5.17 11.22
C ASN C 214 -8.52 -5.14 12.56
N LEU C 215 -8.74 -3.95 13.10
CA LEU C 215 -9.39 -3.77 14.39
C LEU C 215 -10.57 -2.84 14.26
N ASN C 216 -11.75 -3.32 14.64
CA ASN C 216 -12.99 -2.53 14.59
C ASN C 216 -13.13 -1.81 15.93
N ILE C 217 -12.93 -0.50 15.93
CA ILE C 217 -12.99 0.32 17.12
C ILE C 217 -14.07 1.39 17.03
N ALA C 218 -14.05 2.18 15.96
CA ALA C 218 -14.99 3.28 15.79
C ALA C 218 -16.34 2.76 15.30
N ALA C 219 -17.42 3.33 15.85
CA ALA C 219 -18.75 2.96 15.43
C ALA C 219 -19.14 3.55 14.08
N GLU C 220 -18.39 4.55 13.60
CA GLU C 220 -18.66 5.12 12.29
C GLU C 220 -18.48 4.08 11.19
N SER C 221 -17.45 3.24 11.31
CA SER C 221 -17.26 2.17 10.33
C SER C 221 -18.42 1.19 10.34
N ALA C 222 -18.92 0.84 11.53
CA ALA C 222 -20.07 -0.05 11.62
C ALA C 222 -21.31 0.59 11.00
N ARG C 223 -21.53 1.87 11.26
CA ARG C 223 -22.67 2.57 10.66
C ARG C 223 -22.55 2.60 9.14
N GLU C 224 -21.35 2.86 8.62
CA GLU C 224 -21.14 2.90 7.18
C GLU C 224 -21.38 1.53 6.55
N THR C 225 -20.88 0.47 7.20
CA THR C 225 -21.09 -0.88 6.69
C THR C 225 -22.58 -1.24 6.71
N ALA C 226 -23.30 -0.87 7.76
CA ALA C 226 -24.74 -1.13 7.81
C ALA C 226 -25.47 -0.35 6.73
N ALA C 227 -25.06 0.89 6.48
CA ALA C 227 -25.68 1.69 5.43
C ALA C 227 -25.43 1.07 4.05
N PHE C 228 -24.23 0.52 3.84
CA PHE C 228 -23.94 -0.15 2.57
C PHE C 228 -24.84 -1.36 2.34
N GLY C 229 -25.32 -1.99 3.40
CA GLY C 229 -26.23 -3.12 3.26
C GLY C 229 -25.53 -4.42 2.91
N GLY C 230 -24.64 -4.88 3.78
CA GLY C 230 -23.94 -6.13 3.57
C GLY C 230 -23.87 -6.99 4.81
N LEU C 231 -24.34 -6.46 5.93
CA LEU C 231 -24.31 -7.18 7.19
C LEU C 231 -25.43 -8.21 7.26
N SER C 232 -25.10 -9.42 7.70
CA SER C 232 -26.10 -10.46 7.84
C SER C 232 -27.08 -10.09 8.94
N PRO C 233 -28.39 -10.23 8.71
CA PRO C 233 -29.36 -9.90 9.77
C PRO C 233 -29.18 -10.72 11.04
N ASP C 234 -28.80 -11.98 10.92
CA ASP C 234 -28.59 -12.85 12.07
C ASP C 234 -27.13 -12.92 12.51
N GLY C 235 -26.26 -12.17 11.86
CA GLY C 235 -24.86 -12.15 12.23
C GLY C 235 -24.14 -13.47 12.06
N GLN C 236 -24.37 -14.14 10.92
CA GLN C 236 -23.74 -15.42 10.63
C GLN C 236 -23.25 -15.42 9.20
N CYS C 237 -22.21 -16.21 8.95
CA CYS C 237 -21.60 -16.35 7.62
C CYS C 237 -21.96 -17.73 7.08
N PHE C 238 -23.03 -17.78 6.28
CA PHE C 238 -23.48 -19.04 5.67
C PHE C 238 -22.74 -19.24 4.36
N THR C 239 -21.53 -19.76 4.47
CA THR C 239 -20.70 -20.01 3.30
C THR C 239 -21.26 -21.19 2.51
N PHE C 240 -21.58 -20.95 1.24
CA PHE C 240 -22.11 -21.96 0.32
C PHE C 240 -23.41 -22.58 0.84
N ASP C 241 -24.18 -21.83 1.61
CA ASP C 241 -25.42 -22.32 2.20
C ASP C 241 -26.62 -21.56 1.62
N ALA C 242 -27.76 -22.24 1.59
CA ALA C 242 -29.00 -21.64 1.08
C ALA C 242 -29.52 -20.52 1.97
N ARG C 243 -29.02 -20.40 3.21
CA ARG C 243 -29.44 -19.35 4.13
C ARG C 243 -28.55 -18.12 4.06
N ALA C 244 -27.65 -18.06 3.08
CA ALA C 244 -26.71 -16.94 2.97
C ALA C 244 -27.45 -15.63 2.76
N ASN C 245 -27.21 -14.67 3.66
CA ASN C 245 -27.84 -13.36 3.56
C ASN C 245 -26.88 -12.22 3.91
N GLY C 246 -25.58 -12.44 3.77
CA GLY C 246 -24.58 -11.45 4.09
C GLY C 246 -23.43 -12.08 4.84
N PHE C 247 -22.67 -11.25 5.54
CA PHE C 247 -21.51 -11.68 6.31
C PHE C 247 -21.53 -11.00 7.68
N VAL C 248 -20.66 -11.50 8.55
CA VAL C 248 -20.45 -10.91 9.88
C VAL C 248 -19.02 -10.41 9.95
N ARG C 249 -18.81 -9.35 10.72
CA ARG C 249 -17.52 -8.69 10.81
C ARG C 249 -16.66 -9.29 11.91
N GLY C 250 -15.37 -9.44 11.64
CA GLY C 250 -14.43 -9.90 12.63
C GLY C 250 -13.20 -9.01 12.66
N GLU C 251 -12.42 -9.16 13.73
CA GLU C 251 -11.21 -8.38 13.92
C GLU C 251 -10.10 -9.28 14.44
N GLY C 252 -8.87 -8.87 14.20
CA GLY C 252 -7.71 -9.62 14.62
C GLY C 252 -6.51 -9.27 13.76
N GLY C 253 -5.61 -10.24 13.62
CA GLY C 253 -4.42 -10.03 12.81
C GLY C 253 -3.59 -11.29 12.74
N GLY C 254 -2.61 -11.26 11.84
CA GLY C 254 -1.72 -12.39 11.67
C GLY C 254 -0.47 -11.99 10.92
N LEU C 255 0.59 -12.76 11.15
CA LEU C 255 1.87 -12.55 10.51
C LEU C 255 2.55 -13.90 10.31
N VAL C 256 3.36 -14.00 9.25
CA VAL C 256 4.14 -15.19 8.95
C VAL C 256 5.55 -14.76 8.53
N VAL C 257 6.49 -15.69 8.69
CA VAL C 257 7.88 -15.48 8.34
C VAL C 257 8.18 -16.27 7.07
N LEU C 258 8.76 -15.60 6.07
CA LEU C 258 9.02 -16.18 4.77
C LEU C 258 10.51 -16.13 4.46
N LYS C 259 11.03 -17.24 3.98
CA LYS C 259 12.42 -17.37 3.58
C LYS C 259 12.51 -18.37 2.44
N THR C 260 13.54 -18.22 1.61
CA THR C 260 13.73 -19.13 0.48
C THR C 260 14.01 -20.54 0.98
N LEU C 261 13.55 -21.52 0.21
CA LEU C 261 13.69 -22.92 0.62
C LEU C 261 15.15 -23.33 0.71
N ARG C 262 15.98 -22.88 -0.23
CA ARG C 262 17.40 -23.24 -0.22
C ARG C 262 18.09 -22.71 1.03
N ARG C 263 17.82 -21.45 1.37
CA ARG C 263 18.44 -20.87 2.57
C ARG C 263 17.90 -21.52 3.84
N ALA C 264 16.60 -21.85 3.86
CA ALA C 264 16.03 -22.51 5.03
C ALA C 264 16.65 -23.89 5.24
N LEU C 265 16.86 -24.63 4.15
CA LEU C 265 17.50 -25.94 4.27
C LEU C 265 18.97 -25.79 4.66
N ALA C 266 19.65 -24.76 4.14
CA ALA C 266 21.05 -24.54 4.51
C ALA C 266 21.18 -24.10 5.96
N ASP C 267 20.23 -23.33 6.47
CA ASP C 267 20.27 -22.84 7.85
C ASP C 267 19.76 -23.86 8.85
N GLY C 268 19.23 -24.99 8.40
CA GLY C 268 18.73 -26.01 9.30
C GLY C 268 17.39 -25.69 9.94
N ASP C 269 16.67 -24.71 9.40
CA ASP C 269 15.37 -24.35 9.96
C ASP C 269 14.32 -25.40 9.60
N LEU C 270 13.29 -25.49 10.44
CA LEU C 270 12.17 -26.38 10.22
C LEU C 270 11.11 -25.65 9.40
N VAL C 271 10.58 -26.33 8.38
CA VAL C 271 9.68 -25.72 7.41
C VAL C 271 8.24 -26.08 7.77
N HIS C 272 7.42 -25.05 7.99
CA HIS C 272 5.99 -25.27 8.22
C HIS C 272 5.26 -25.56 6.92
N GLY C 273 5.65 -24.91 5.82
CA GLY C 273 5.01 -25.12 4.54
C GLY C 273 5.84 -24.53 3.44
N VAL C 274 5.51 -24.92 2.20
CA VAL C 274 6.26 -24.52 1.02
C VAL C 274 5.28 -23.84 0.06
N ILE C 275 5.40 -22.52 -0.07
CA ILE C 275 4.63 -21.79 -1.07
C ILE C 275 5.28 -22.00 -2.44
N LEU C 276 4.49 -22.47 -3.40
CA LEU C 276 5.03 -22.80 -4.72
C LEU C 276 4.94 -21.63 -5.70
N ALA C 277 3.79 -20.97 -5.78
CA ALA C 277 3.62 -19.86 -6.70
C ALA C 277 2.50 -18.96 -6.19
N SER C 278 2.45 -17.75 -6.73
CA SER C 278 1.42 -16.79 -6.39
C SER C 278 1.16 -15.89 -7.58
N ALA C 279 -0.03 -15.29 -7.61
CA ALA C 279 -0.42 -14.43 -8.71
C ALA C 279 -1.46 -13.43 -8.22
N VAL C 280 -1.36 -12.20 -8.74
CA VAL C 280 -2.30 -11.14 -8.41
C VAL C 280 -2.81 -10.55 -9.72
N ASN C 281 -4.13 -10.43 -9.84
CA ASN C 281 -4.75 -9.89 -11.05
C ASN C 281 -5.93 -9.00 -10.64
N ASN C 282 -6.68 -8.54 -11.64
CA ASN C 282 -7.84 -7.69 -11.41
C ASN C 282 -9.02 -8.22 -12.21
N ASP C 283 -10.22 -7.89 -11.74
CA ASP C 283 -11.44 -8.32 -12.42
C ASP C 283 -11.52 -7.75 -13.82
N GLY C 284 -11.18 -6.47 -13.98
CA GLY C 284 -11.18 -5.82 -15.26
C GLY C 284 -12.55 -5.29 -15.66
N PRO C 285 -13.02 -5.68 -16.84
CA PRO C 285 -14.32 -5.17 -17.35
C PRO C 285 -15.50 -5.98 -16.83
N SER C 286 -15.74 -5.87 -15.53
CA SER C 286 -16.85 -6.56 -14.91
C SER C 286 -18.16 -5.82 -15.20
N ASP C 287 -19.28 -6.49 -14.89
CA ASP C 287 -20.58 -5.86 -15.07
C ASP C 287 -20.73 -4.64 -14.16
N THR C 288 -20.25 -4.73 -12.93
CA THR C 288 -20.32 -3.63 -11.98
C THR C 288 -18.99 -3.53 -11.26
N LEU C 289 -18.67 -2.33 -10.78
CA LEU C 289 -17.45 -2.14 -9.99
C LEU C 289 -17.44 -3.03 -8.77
N THR C 290 -18.60 -3.39 -8.25
CA THR C 290 -18.71 -4.27 -7.09
C THR C 290 -18.85 -5.74 -7.47
N THR C 291 -19.47 -6.04 -8.60
CA THR C 291 -19.71 -7.43 -8.98
C THR C 291 -18.40 -8.09 -9.39
N PRO C 292 -18.03 -9.22 -8.80
CA PRO C 292 -16.82 -9.92 -9.21
C PRO C 292 -16.99 -10.58 -10.57
N SER C 293 -15.86 -10.88 -11.19
CA SER C 293 -15.81 -11.51 -12.51
C SER C 293 -15.34 -12.96 -12.37
N ARG C 294 -16.08 -13.88 -12.99
CA ARG C 294 -15.72 -15.29 -12.94
C ARG C 294 -14.52 -15.60 -13.83
N ARG C 295 -14.47 -15.00 -15.03
CA ARG C 295 -13.38 -15.28 -15.95
C ARG C 295 -12.04 -14.86 -15.39
N ALA C 296 -12.00 -13.72 -14.69
CA ALA C 296 -10.75 -13.27 -14.07
C ALA C 296 -10.26 -14.28 -13.03
N GLN C 297 -11.18 -14.77 -12.19
CA GLN C 297 -10.80 -15.77 -11.20
C GLN C 297 -10.33 -17.05 -11.85
N GLU C 298 -10.99 -17.49 -12.92
CA GLU C 298 -10.58 -18.70 -13.62
C GLU C 298 -9.19 -18.55 -14.22
N SER C 299 -8.92 -17.39 -14.85
CA SER C 299 -7.60 -17.16 -15.43
C SER C 299 -6.53 -17.09 -14.36
N LEU C 300 -6.83 -16.44 -13.23
CA LEU C 300 -5.87 -16.37 -12.13
C LEU C 300 -5.55 -17.75 -11.59
N LEU C 301 -6.58 -18.58 -11.39
CA LEU C 301 -6.36 -19.93 -10.90
C LEU C 301 -5.54 -20.74 -11.89
N THR C 302 -5.88 -20.64 -13.18
CA THR C 302 -5.14 -21.40 -14.20
C THR C 302 -3.67 -20.99 -14.23
N ARG C 303 -3.40 -19.68 -14.21
CA ARG C 303 -2.02 -19.23 -14.28
C ARG C 303 -1.25 -19.59 -13.01
N VAL C 304 -1.87 -19.48 -11.84
CA VAL C 304 -1.15 -19.79 -10.61
C VAL C 304 -0.86 -21.28 -10.49
N TYR C 305 -1.80 -22.13 -10.92
CA TYR C 305 -1.56 -23.56 -10.88
C TYR C 305 -0.62 -24.03 -11.99
N ARG C 306 -0.54 -23.30 -13.10
CA ARG C 306 0.47 -23.62 -14.11
C ARG C 306 1.86 -23.20 -13.66
N ARG C 307 1.97 -22.05 -12.99
CA ARG C 307 3.25 -21.62 -12.46
C ARG C 307 3.73 -22.53 -11.34
N ALA C 308 2.81 -22.94 -10.45
CA ALA C 308 3.18 -23.83 -9.35
C ALA C 308 3.56 -25.22 -9.82
N GLY C 309 3.15 -25.60 -11.03
CA GLY C 309 3.45 -26.93 -11.55
C GLY C 309 2.61 -28.04 -10.97
N VAL C 310 1.50 -27.73 -10.31
CA VAL C 310 0.62 -28.72 -9.70
C VAL C 310 -0.60 -28.87 -10.57
N THR C 311 -0.80 -30.07 -11.11
CA THR C 311 -1.94 -30.42 -11.94
C THR C 311 -3.12 -30.81 -11.07
N PRO C 312 -4.34 -30.84 -11.65
CA PRO C 312 -5.49 -31.37 -10.91
C PRO C 312 -5.26 -32.76 -10.33
N THR C 313 -6.15 -33.20 -9.45
CA THR C 313 -6.08 -34.43 -8.66
C THR C 313 -4.88 -34.46 -7.72
N GLU C 314 -4.19 -33.34 -7.53
CA GLU C 314 -3.09 -33.25 -6.58
C GLU C 314 -3.36 -32.33 -5.40
N VAL C 315 -4.34 -31.44 -5.51
CA VAL C 315 -4.71 -30.54 -4.43
C VAL C 315 -5.84 -31.16 -3.62
N GLY C 316 -5.65 -31.26 -2.31
CA GLY C 316 -6.63 -31.93 -1.46
C GLY C 316 -7.55 -31.00 -0.71
N TYR C 317 -7.31 -29.69 -0.80
CA TYR C 317 -8.16 -28.73 -0.09
C TYR C 317 -7.97 -27.36 -0.72
N VAL C 318 -9.06 -26.58 -0.75
CA VAL C 318 -9.03 -25.21 -1.24
C VAL C 318 -9.72 -24.33 -0.20
N GLU C 319 -9.05 -23.27 0.23
CA GLU C 319 -9.60 -22.33 1.20
C GLU C 319 -10.43 -21.29 0.47
N LEU C 320 -11.75 -21.37 0.61
CA LEU C 320 -12.64 -20.44 -0.06
C LEU C 320 -12.54 -19.05 0.56
N HIS C 321 -12.89 -18.04 -0.25
CA HIS C 321 -13.04 -16.69 0.28
C HIS C 321 -14.16 -16.65 1.30
N GLY C 322 -15.29 -17.30 1.00
CA GLY C 322 -16.33 -17.56 1.96
C GLY C 322 -16.97 -16.34 2.61
N THR C 323 -17.36 -15.36 1.81
CA THR C 323 -18.05 -14.19 2.36
C THR C 323 -19.51 -14.47 2.68
N GLY C 324 -20.07 -15.59 2.23
CA GLY C 324 -21.45 -15.90 2.51
C GLY C 324 -22.45 -15.01 1.79
N THR C 325 -22.07 -14.44 0.65
CA THR C 325 -22.96 -13.58 -0.10
C THR C 325 -23.73 -14.40 -1.15
N LYS C 326 -24.81 -13.82 -1.65
CA LYS C 326 -25.65 -14.48 -2.63
C LYS C 326 -25.11 -14.36 -4.06
N VAL C 327 -24.08 -13.56 -4.28
CA VAL C 327 -23.52 -13.33 -5.60
C VAL C 327 -22.09 -13.87 -5.71
N GLY C 328 -21.24 -13.55 -4.74
CA GLY C 328 -19.84 -13.96 -4.81
C GLY C 328 -19.66 -15.46 -4.69
N ASP C 329 -20.43 -16.10 -3.81
CA ASP C 329 -20.28 -17.54 -3.59
C ASP C 329 -20.58 -18.38 -4.83
N PRO C 330 -21.70 -18.17 -5.55
CA PRO C 330 -21.89 -18.96 -6.78
C PRO C 330 -20.81 -18.73 -7.82
N ILE C 331 -20.32 -17.50 -7.95
CA ILE C 331 -19.26 -17.21 -8.91
C ILE C 331 -17.98 -17.95 -8.53
N GLU C 332 -17.62 -17.91 -7.25
CA GLU C 332 -16.44 -18.63 -6.79
C GLU C 332 -16.58 -20.13 -7.01
N ALA C 333 -17.76 -20.68 -6.71
CA ALA C 333 -17.97 -22.11 -6.90
C ALA C 333 -17.87 -22.50 -8.36
N ALA C 334 -18.48 -21.70 -9.25
CA ALA C 334 -18.40 -21.98 -10.68
C ALA C 334 -16.97 -21.92 -11.19
N ALA C 335 -16.22 -20.89 -10.76
CA ALA C 335 -14.83 -20.77 -11.20
C ALA C 335 -13.99 -21.95 -10.71
N LEU C 336 -14.16 -22.34 -9.44
CA LEU C 336 -13.38 -23.44 -8.90
C LEU C 336 -13.74 -24.76 -9.57
N GLY C 337 -15.03 -24.97 -9.85
CA GLY C 337 -15.43 -26.16 -10.59
C GLY C 337 -14.94 -26.20 -12.01
N ALA C 338 -14.88 -25.04 -12.68
CA ALA C 338 -14.37 -25.01 -14.05
C ALA C 338 -12.87 -25.21 -14.09
N VAL C 339 -12.15 -24.73 -13.07
CA VAL C 339 -10.69 -24.82 -13.07
C VAL C 339 -10.24 -26.12 -12.42
N LEU C 340 -10.59 -26.31 -11.15
CA LEU C 340 -10.13 -27.48 -10.39
C LEU C 340 -11.17 -28.58 -10.29
N GLY C 341 -12.46 -28.26 -10.38
CA GLY C 341 -13.48 -29.28 -10.25
C GLY C 341 -13.43 -30.31 -11.35
N THR C 342 -13.17 -29.88 -12.58
CA THR C 342 -13.12 -30.80 -13.71
C THR C 342 -11.87 -31.68 -13.64
N GLY C 343 -11.97 -32.85 -14.26
CA GLY C 343 -10.85 -33.78 -14.29
C GLY C 343 -10.44 -34.33 -12.94
N ARG C 344 -11.41 -34.63 -12.07
CA ARG C 344 -11.13 -35.17 -10.76
C ARG C 344 -12.05 -36.36 -10.50
N ASP C 345 -11.46 -37.46 -10.03
CA ASP C 345 -12.25 -38.66 -9.74
C ASP C 345 -13.06 -38.52 -8.46
N THR C 346 -12.63 -37.66 -7.55
CA THR C 346 -13.29 -37.45 -6.27
C THR C 346 -13.62 -35.98 -6.09
N PRO C 347 -14.69 -35.67 -5.36
CA PRO C 347 -15.03 -34.26 -5.11
C PRO C 347 -13.93 -33.55 -4.33
N LEU C 348 -13.73 -32.28 -4.65
CA LEU C 348 -12.72 -31.46 -4.00
C LEU C 348 -13.26 -30.91 -2.69
N PRO C 349 -12.57 -31.13 -1.57
CA PRO C 349 -13.02 -30.53 -0.31
C PRO C 349 -12.76 -29.04 -0.27
N VAL C 350 -13.75 -28.29 0.21
CA VAL C 350 -13.66 -26.84 0.31
C VAL C 350 -14.13 -26.41 1.70
N GLY C 351 -13.75 -25.19 2.07
CA GLY C 351 -14.14 -24.64 3.36
C GLY C 351 -13.67 -23.22 3.48
N SER C 352 -14.20 -22.54 4.50
CA SER C 352 -13.87 -21.14 4.77
C SER C 352 -13.74 -20.93 6.27
N ILE C 353 -12.77 -20.10 6.66
CA ILE C 353 -12.55 -19.82 8.07
C ILE C 353 -13.49 -18.74 8.61
N LYS C 354 -14.19 -18.02 7.72
CA LYS C 354 -15.09 -16.96 8.17
C LYS C 354 -16.32 -17.50 8.90
N THR C 355 -16.62 -18.79 8.76
CA THR C 355 -17.73 -19.37 9.48
C THR C 355 -17.47 -19.51 10.97
N ASN C 356 -16.22 -19.38 11.40
CA ASN C 356 -15.84 -19.53 12.80
C ASN C 356 -15.62 -18.20 13.49
N ILE C 357 -14.81 -17.31 12.91
CA ILE C 357 -14.48 -16.05 13.54
C ILE C 357 -15.13 -14.85 12.86
N GLY C 358 -15.47 -14.96 11.57
CA GLY C 358 -16.08 -13.87 10.84
C GLY C 358 -15.13 -13.28 9.81
N HIS C 359 -15.62 -12.22 9.15
CA HIS C 359 -14.85 -11.55 8.12
C HIS C 359 -13.94 -10.51 8.75
N LEU C 360 -12.63 -10.73 8.65
CA LEU C 360 -11.64 -9.81 9.18
C LEU C 360 -11.20 -8.76 8.15
N GLU C 361 -11.80 -8.77 6.95
CA GLU C 361 -11.51 -7.82 5.88
C GLU C 361 -10.05 -7.95 5.49
N GLY C 362 -9.25 -6.88 5.55
CA GLY C 362 -7.90 -6.92 5.00
C GLY C 362 -6.99 -7.95 5.61
N ALA C 363 -7.26 -8.36 6.86
CA ALA C 363 -6.47 -9.40 7.50
C ALA C 363 -6.98 -10.80 7.23
N ALA C 364 -8.29 -10.95 6.96
CA ALA C 364 -8.90 -12.28 6.91
C ALA C 364 -8.11 -13.22 6.02
N GLY C 365 -7.63 -12.71 4.88
CA GLY C 365 -6.90 -13.55 3.95
C GLY C 365 -5.76 -14.30 4.60
N ILE C 366 -4.87 -13.60 5.29
CA ILE C 366 -3.71 -14.28 5.86
C ILE C 366 -4.18 -15.29 6.91
N ALA C 367 -5.24 -14.95 7.64
CA ALA C 367 -5.81 -15.88 8.61
C ALA C 367 -6.13 -17.20 7.92
N GLY C 368 -6.81 -17.13 6.78
CA GLY C 368 -7.11 -18.35 6.04
C GLY C 368 -5.86 -19.13 5.72
N LEU C 369 -4.82 -18.43 5.24
CA LEU C 369 -3.56 -19.10 4.95
C LEU C 369 -3.02 -19.78 6.19
N ILE C 370 -3.09 -19.11 7.34
CA ILE C 370 -2.66 -19.71 8.60
C ILE C 370 -3.42 -21.01 8.84
N LYS C 371 -4.73 -20.98 8.62
CA LYS C 371 -5.53 -22.19 8.76
C LYS C 371 -4.99 -23.28 7.86
N ALA C 372 -4.71 -22.95 6.60
CA ALA C 372 -4.14 -23.93 5.67
C ALA C 372 -2.84 -24.49 6.22
N LEU C 373 -2.00 -23.62 6.78
CA LEU C 373 -0.75 -24.07 7.36
C LEU C 373 -1.01 -25.10 8.46
N LEU C 374 -2.01 -24.83 9.31
CA LEU C 374 -2.37 -25.81 10.33
C LEU C 374 -2.80 -27.12 9.68
N GLN C 375 -3.61 -27.05 8.63
CA GLN C 375 -4.03 -28.25 7.94
C GLN C 375 -2.87 -28.94 7.23
N LEU C 376 -1.76 -28.22 7.01
CA LEU C 376 -0.59 -28.84 6.43
C LEU C 376 0.40 -29.33 7.48
N ARG C 377 0.11 -29.13 8.77
CA ARG C 377 0.99 -29.60 9.83
C ARG C 377 0.40 -30.78 10.61
N ARG C 378 -0.89 -30.73 10.92
CA ARG C 378 -1.54 -31.83 11.63
C ARG C 378 -2.03 -32.93 10.69
N ARG C 379 -1.98 -32.70 9.37
CA ARG C 379 -2.45 -33.67 8.38
C ARG C 379 -3.91 -34.06 8.63
N ARG C 380 -4.72 -33.07 9.00
CA ARG C 380 -6.12 -33.28 9.30
C ARG C 380 -6.93 -32.10 8.79
N LEU C 381 -8.22 -32.34 8.56
CA LEU C 381 -9.14 -31.32 8.09
C LEU C 381 -10.16 -31.01 9.19
N VAL C 382 -10.55 -29.73 9.27
CA VAL C 382 -11.48 -29.28 10.29
C VAL C 382 -12.85 -29.03 9.64
N PRO C 383 -13.95 -29.20 10.38
CA PRO C 383 -15.27 -28.98 9.79
C PRO C 383 -15.53 -27.49 9.55
N SER C 384 -16.45 -27.23 8.63
CA SER C 384 -16.91 -25.89 8.31
C SER C 384 -18.35 -25.74 8.78
N LEU C 385 -18.60 -24.70 9.58
CA LEU C 385 -19.91 -24.49 10.18
C LEU C 385 -20.83 -23.76 9.19
N ASN C 386 -22.08 -23.56 9.62
CA ASN C 386 -23.08 -22.83 8.85
C ASN C 386 -23.32 -23.46 7.49
N PHE C 387 -23.46 -24.79 7.47
CA PHE C 387 -23.77 -25.53 6.25
C PHE C 387 -24.77 -26.63 6.57
N SER C 388 -26.00 -26.47 6.09
CA SER C 388 -27.05 -27.45 6.27
C SER C 388 -27.52 -28.05 4.96
N THR C 389 -27.85 -27.22 3.97
CA THR C 389 -28.30 -27.68 2.66
C THR C 389 -27.53 -26.95 1.58
N PRO C 390 -27.25 -27.62 0.46
CA PRO C 390 -26.52 -26.95 -0.63
C PRO C 390 -27.32 -25.80 -1.22
N ASN C 391 -26.59 -24.77 -1.65
CA ASN C 391 -27.23 -23.62 -2.27
C ASN C 391 -27.81 -24.02 -3.62
N PRO C 392 -29.09 -23.74 -3.89
CA PRO C 392 -29.65 -24.07 -5.21
C PRO C 392 -28.92 -23.41 -6.37
N ASP C 393 -28.37 -22.21 -6.15
CA ASP C 393 -27.58 -21.54 -7.17
C ASP C 393 -26.19 -22.16 -7.36
N ILE C 394 -25.79 -23.06 -6.48
CA ILE C 394 -24.48 -23.70 -6.53
C ILE C 394 -24.68 -25.19 -6.80
N PRO C 395 -24.49 -25.63 -8.06
CA PRO C 395 -24.57 -27.07 -8.38
C PRO C 395 -23.31 -27.82 -7.98
N LEU C 396 -23.24 -28.20 -6.70
CA LEU C 396 -22.05 -28.86 -6.18
C LEU C 396 -21.78 -30.20 -6.85
N ASP C 397 -22.84 -30.92 -7.25
CA ASP C 397 -22.65 -32.19 -7.93
C ASP C 397 -21.97 -32.00 -9.28
N ALA C 398 -22.39 -30.98 -10.04
CA ALA C 398 -21.77 -30.72 -11.33
C ALA C 398 -20.37 -30.14 -11.18
N LEU C 399 -20.17 -29.28 -10.17
CA LEU C 399 -18.87 -28.65 -9.96
C LEU C 399 -17.85 -29.59 -9.33
N ASN C 400 -18.25 -30.78 -8.91
CA ASN C 400 -17.35 -31.76 -8.28
C ASN C 400 -16.67 -31.18 -7.04
N LEU C 401 -17.45 -30.46 -6.24
CA LEU C 401 -16.97 -29.86 -5.00
C LEU C 401 -17.85 -30.31 -3.84
N ARG C 402 -17.24 -30.37 -2.66
CA ARG C 402 -17.98 -30.75 -1.45
C ARG C 402 -17.42 -29.98 -0.27
N VAL C 403 -18.30 -29.60 0.65
CA VAL C 403 -17.92 -28.81 1.81
C VAL C 403 -17.52 -29.74 2.94
N GLN C 404 -16.34 -29.50 3.53
CA GLN C 404 -15.85 -30.31 4.64
C GLN C 404 -16.63 -29.96 5.89
N GLN C 405 -17.36 -30.93 6.44
CA GLN C 405 -18.17 -30.72 7.63
C GLN C 405 -17.85 -31.74 8.72
N GLU C 406 -16.68 -32.37 8.67
CA GLU C 406 -16.29 -33.34 9.69
C GLU C 406 -14.77 -33.35 9.79
N SER C 407 -14.29 -33.84 10.94
CA SER C 407 -12.86 -33.95 11.19
C SER C 407 -12.37 -35.32 10.73
N ALA C 408 -11.58 -35.34 9.66
CA ALA C 408 -11.06 -36.57 9.09
C ALA C 408 -9.59 -36.40 8.79
N PRO C 409 -8.81 -37.48 8.86
CA PRO C 409 -7.39 -37.38 8.52
C PRO C 409 -7.19 -37.07 7.04
N TRP C 410 -6.08 -36.40 6.74
CA TRP C 410 -5.74 -36.01 5.38
C TRP C 410 -4.71 -36.99 4.83
N ALA C 411 -5.01 -37.58 3.68
CA ALA C 411 -4.16 -38.56 3.04
C ALA C 411 -3.81 -38.10 1.62
N THR C 412 -2.66 -38.53 1.13
CA THR C 412 -2.21 -38.19 -0.21
C THR C 412 -3.07 -38.85 -1.28
N THR C 419 2.55 -35.25 -2.13
CA THR C 419 2.39 -34.48 -0.90
C THR C 419 1.07 -33.70 -0.90
N LEU C 420 0.66 -33.24 0.27
CA LEU C 420 -0.58 -32.48 0.39
C LEU C 420 -0.40 -31.07 -0.16
N VAL C 421 -1.35 -30.64 -0.97
CA VAL C 421 -1.32 -29.32 -1.62
C VAL C 421 -2.64 -28.63 -1.33
N ALA C 422 -2.57 -27.35 -0.95
CA ALA C 422 -3.74 -26.57 -0.62
C ALA C 422 -3.64 -25.20 -1.29
N GLY C 423 -4.79 -24.57 -1.46
CA GLY C 423 -4.85 -23.25 -2.06
C GLY C 423 -5.70 -22.30 -1.25
N VAL C 424 -5.21 -21.07 -1.10
CA VAL C 424 -5.90 -20.03 -0.35
C VAL C 424 -6.19 -18.88 -1.30
N SER C 425 -7.45 -18.46 -1.36
CA SER C 425 -7.90 -17.41 -2.24
C SER C 425 -8.42 -16.22 -1.45
N SER C 426 -8.06 -15.02 -1.88
CA SER C 426 -8.57 -13.80 -1.27
C SER C 426 -8.94 -12.83 -2.38
N PHE C 427 -10.22 -12.47 -2.46
CA PHE C 427 -10.73 -11.59 -3.50
C PHE C 427 -11.09 -10.25 -2.89
N GLY C 428 -10.50 -9.18 -3.41
CA GLY C 428 -10.83 -7.85 -2.98
C GLY C 428 -12.11 -7.35 -3.60
N MET C 429 -12.90 -6.62 -2.81
CA MET C 429 -14.17 -6.12 -3.28
C MET C 429 -13.98 -5.10 -4.40
N GLY C 430 -12.87 -4.37 -4.39
CA GLY C 430 -12.56 -3.49 -5.51
C GLY C 430 -12.36 -4.23 -6.81
N GLY C 431 -11.76 -5.43 -6.75
CA GLY C 431 -11.52 -6.21 -7.95
C GLY C 431 -10.20 -6.95 -7.95
N THR C 432 -9.40 -6.77 -6.90
CA THR C 432 -8.10 -7.43 -6.81
C THR C 432 -8.27 -8.83 -6.24
N ASN C 433 -7.68 -9.81 -6.91
CA ASN C 433 -7.77 -11.21 -6.53
C ASN C 433 -6.37 -11.80 -6.39
N CYS C 434 -6.19 -12.63 -5.35
CA CYS C 434 -4.91 -13.29 -5.11
C CYS C 434 -5.15 -14.74 -4.72
N HIS C 435 -4.24 -15.62 -5.15
CA HIS C 435 -4.29 -17.03 -4.83
C HIS C 435 -2.89 -17.52 -4.50
N VAL C 436 -2.79 -18.31 -3.43
CA VAL C 436 -1.51 -18.85 -2.96
C VAL C 436 -1.63 -20.36 -2.88
N VAL C 437 -0.68 -21.06 -3.50
CA VAL C 437 -0.62 -22.52 -3.46
C VAL C 437 0.51 -22.92 -2.52
N VAL C 438 0.18 -23.71 -1.50
CA VAL C 438 1.14 -24.10 -0.47
C VAL C 438 1.05 -25.61 -0.26
N SER C 439 2.20 -26.26 -0.21
CA SER C 439 2.29 -27.70 0.01
C SER C 439 3.00 -27.98 1.33
N ALA C 440 2.96 -29.24 1.75
CA ALA C 440 3.61 -29.64 2.99
C ALA C 440 5.12 -29.64 2.82
N ALA C 441 5.82 -29.57 3.94
CA ALA C 441 7.28 -29.57 3.92
C ALA C 441 7.80 -30.90 3.39
N PRO C 442 8.87 -30.88 2.57
CA PRO C 442 9.45 -32.10 2.01
C PRO C 442 10.26 -32.89 3.03
N LEU C 465 19.96 -31.55 33.65
CA LEU C 465 19.28 -30.83 32.57
C LEU C 465 18.66 -29.53 33.07
N PRO C 466 19.48 -28.51 33.24
CA PRO C 466 18.96 -27.22 33.74
C PRO C 466 18.18 -26.49 32.66
N TRP C 467 17.09 -25.85 33.07
CA TRP C 467 16.24 -25.06 32.19
C TRP C 467 16.34 -23.60 32.60
N VAL C 468 16.65 -22.73 31.63
CA VAL C 468 16.86 -21.31 31.88
C VAL C 468 15.75 -20.51 31.21
N VAL C 469 15.22 -19.53 31.94
CA VAL C 469 14.22 -18.61 31.41
C VAL C 469 14.65 -17.20 31.73
N SER C 470 14.16 -16.25 30.94
CA SER C 470 14.55 -14.85 31.09
C SER C 470 13.35 -13.96 30.86
N ALA C 471 13.37 -12.80 31.51
CA ALA C 471 12.30 -11.81 31.37
C ALA C 471 12.84 -10.46 31.84
N ARG C 472 12.06 -9.42 31.55
CA ARG C 472 12.42 -8.05 31.90
C ARG C 472 11.80 -7.59 33.22
N SER C 473 11.05 -8.45 33.89
CA SER C 473 10.39 -8.09 35.14
C SER C 473 10.16 -9.34 35.96
N PRO C 474 10.22 -9.27 37.29
CA PRO C 474 9.96 -10.47 38.10
C PRO C 474 8.57 -11.04 37.87
N GLN C 475 7.55 -10.19 37.72
CA GLN C 475 6.23 -10.68 37.38
C GLN C 475 6.22 -11.34 36.01
N ALA C 476 6.93 -10.73 35.05
CA ALA C 476 7.07 -11.35 33.73
C ALA C 476 7.80 -12.68 33.83
N LEU C 477 8.81 -12.76 34.68
CA LEU C 477 9.53 -14.02 34.87
C LEU C 477 8.60 -15.10 35.44
N ARG C 478 7.79 -14.74 36.43
CA ARG C 478 6.85 -15.70 37.00
C ARG C 478 5.82 -16.14 35.95
N ASP C 479 5.32 -15.21 35.15
CA ASP C 479 4.37 -15.55 34.11
C ASP C 479 5.00 -16.48 33.07
N GLN C 480 6.24 -16.20 32.68
CA GLN C 480 6.94 -17.08 31.73
C GLN C 480 7.15 -18.46 32.31
N ALA C 481 7.53 -18.56 33.58
CA ALA C 481 7.70 -19.86 34.21
C ALA C 481 6.38 -20.63 34.26
N GLY C 482 5.29 -19.95 34.61
CA GLY C 482 3.99 -20.60 34.63
C GLY C 482 3.56 -21.08 33.26
N ARG C 483 3.77 -20.26 32.23
CA ARG C 483 3.41 -20.66 30.87
C ARG C 483 4.26 -21.83 30.40
N LEU C 484 5.55 -21.83 30.73
CA LEU C 484 6.41 -22.95 30.38
C LEU C 484 5.96 -24.23 31.06
N ALA C 485 5.61 -24.14 32.35
CA ALA C 485 5.10 -25.32 33.05
C ALA C 485 3.81 -25.82 32.44
N ALA C 486 2.90 -24.90 32.10
CA ALA C 486 1.63 -25.31 31.48
C ALA C 486 1.86 -25.97 30.13
N TRP C 487 2.80 -25.43 29.33
CA TRP C 487 3.10 -26.03 28.04
C TRP C 487 3.74 -27.40 28.22
N ALA C 488 4.58 -27.56 29.23
CA ALA C 488 5.15 -28.87 29.52
C ALA C 488 4.07 -29.87 29.92
N ASP C 489 3.09 -29.43 30.70
CA ASP C 489 1.97 -30.29 31.05
C ASP C 489 1.10 -30.65 29.84
N SER C 490 1.14 -29.83 28.79
CA SER C 490 0.38 -30.12 27.59
C SER C 490 0.98 -31.32 26.85
N PRO C 491 0.16 -32.08 26.12
CA PRO C 491 0.71 -33.23 25.37
C PRO C 491 1.75 -32.82 24.33
N ALA C 492 1.61 -31.64 23.73
CA ALA C 492 2.61 -31.16 22.79
C ALA C 492 3.97 -31.01 23.48
N GLY C 493 3.98 -30.47 24.69
CA GLY C 493 5.22 -30.42 25.47
C GLY C 493 5.69 -31.81 25.88
N ARG C 494 4.74 -32.71 26.17
CA ARG C 494 5.10 -34.07 26.54
C ARG C 494 5.79 -34.82 25.40
N GLU C 495 5.43 -34.52 24.15
CA GLU C 495 6.08 -35.15 23.00
C GLU C 495 7.51 -34.70 22.80
N ALA C 496 7.97 -33.67 23.51
CA ALA C 496 9.31 -33.15 23.37
C ALA C 496 10.18 -33.62 24.52
N SER C 497 11.37 -34.13 24.20
CA SER C 497 12.28 -34.61 25.24
C SER C 497 12.84 -33.44 26.03
N PRO C 498 13.18 -33.67 27.31
CA PRO C 498 13.74 -32.57 28.13
C PRO C 498 15.03 -31.98 27.56
N VAL C 499 15.88 -32.81 26.95
CA VAL C 499 17.14 -32.31 26.40
C VAL C 499 16.87 -31.32 25.27
N ASP C 500 15.95 -31.67 24.37
CA ASP C 500 15.60 -30.78 23.27
C ASP C 500 14.98 -29.49 23.78
N ILE C 501 14.12 -29.60 24.79
CA ILE C 501 13.48 -28.41 25.36
C ILE C 501 14.53 -27.48 25.96
N GLY C 502 15.47 -28.05 26.72
CA GLY C 502 16.52 -27.23 27.30
C GLY C 502 17.42 -26.59 26.27
N TRP C 503 17.79 -27.36 25.23
CA TRP C 503 18.62 -26.80 24.17
C TRP C 503 17.90 -25.67 23.44
N SER C 504 16.61 -25.85 23.16
CA SER C 504 15.85 -24.80 22.49
C SER C 504 15.73 -23.56 23.36
N LEU C 505 15.51 -23.74 24.67
CA LEU C 505 15.44 -22.60 25.58
C LEU C 505 16.77 -21.87 25.64
N ALA C 506 17.87 -22.61 25.67
CA ALA C 506 19.19 -21.98 25.78
C ALA C 506 19.57 -21.25 24.49
N THR C 507 19.27 -21.85 23.34
CA THR C 507 19.75 -21.34 22.06
C THR C 507 18.73 -20.44 21.37
N SER C 508 17.51 -20.92 21.17
CA SER C 508 16.53 -20.20 20.35
C SER C 508 15.80 -19.09 21.10
N ARG C 509 16.05 -18.92 22.39
CA ARG C 509 15.41 -17.88 23.19
C ARG C 509 16.43 -16.84 23.61
N THR C 510 16.07 -15.58 23.44
CA THR C 510 16.96 -14.48 23.80
C THR C 510 17.08 -14.35 25.32
N HIS C 511 18.25 -13.93 25.78
CA HIS C 511 18.53 -13.77 27.20
C HIS C 511 18.21 -12.33 27.61
N PHE C 512 17.23 -12.18 28.48
CA PHE C 512 16.82 -10.86 28.96
C PHE C 512 17.62 -10.50 30.22
N GLU C 513 17.19 -9.43 30.90
CA GLU C 513 17.91 -8.98 32.09
C GLU C 513 17.76 -9.96 33.24
N TYR C 514 16.52 -10.20 33.68
CA TYR C 514 16.27 -11.08 34.81
C TYR C 514 16.27 -12.53 34.35
N ARG C 515 16.97 -13.39 35.08
CA ARG C 515 17.21 -14.77 34.68
C ARG C 515 16.84 -15.71 35.81
N ALA C 516 16.30 -16.86 35.44
CA ALA C 516 15.94 -17.90 36.41
C ALA C 516 16.35 -19.26 35.84
N VAL C 517 17.19 -19.98 36.57
CA VAL C 517 17.72 -21.27 36.15
C VAL C 517 17.25 -22.34 37.13
N VAL C 518 16.71 -23.44 36.60
CA VAL C 518 16.22 -24.54 37.42
C VAL C 518 16.98 -25.81 37.03
N SER C 519 16.97 -26.78 37.95
CA SER C 519 17.64 -28.05 37.75
C SER C 519 16.74 -29.17 38.24
N GLY C 520 16.92 -30.35 37.66
CA GLY C 520 16.12 -31.49 38.05
C GLY C 520 16.57 -32.74 37.35
N SER C 521 15.86 -33.83 37.62
CA SER C 521 16.15 -35.14 37.05
C SER C 521 15.18 -35.56 35.96
N ASP C 522 13.87 -35.33 36.16
CA ASP C 522 12.88 -35.69 35.16
C ASP C 522 11.93 -34.53 34.88
N ARG C 523 10.91 -34.76 34.07
CA ARG C 523 9.95 -33.71 33.76
C ARG C 523 9.19 -33.26 34.99
N ASP C 524 8.81 -34.21 35.85
CA ASP C 524 7.97 -33.87 37.00
C ASP C 524 8.69 -32.93 37.96
N GLU C 525 9.97 -33.18 38.23
CA GLU C 525 10.71 -32.33 39.17
C GLU C 525 10.86 -30.92 38.61
N LEU C 526 11.22 -30.80 37.34
CA LEU C 526 11.39 -29.48 36.74
C LEU C 526 10.06 -28.72 36.72
N VAL C 527 8.98 -29.41 36.37
CA VAL C 527 7.66 -28.76 36.32
C VAL C 527 7.24 -28.31 37.71
N ALA C 528 7.45 -29.17 38.71
CA ALA C 528 7.11 -28.80 40.09
C ALA C 528 7.91 -27.60 40.56
N SER C 529 9.21 -27.57 40.26
CA SER C 529 10.02 -26.41 40.63
C SER C 529 9.55 -25.15 39.92
N LEU C 530 9.21 -25.27 38.63
CA LEU C 530 8.73 -24.10 37.88
C LEU C 530 7.44 -23.56 38.47
N ARG C 531 6.50 -24.43 38.83
CA ARG C 531 5.30 -23.97 39.52
C ARG C 531 5.64 -23.36 40.88
N ALA C 532 6.58 -23.95 41.61
CA ALA C 532 6.93 -23.43 42.93
C ALA C 532 7.48 -22.01 42.85
N LEU C 533 8.35 -21.75 41.87
CA LEU C 533 8.91 -20.41 41.71
C LEU C 533 8.02 -19.47 40.91
N ALA C 534 6.89 -19.98 40.39
CA ALA C 534 5.97 -19.13 39.63
C ALA C 534 5.14 -18.21 40.51
N SER C 535 5.16 -18.40 41.82
CA SER C 535 4.39 -17.56 42.73
C SER C 535 5.26 -17.04 43.87
N VAL C 568 26.63 -16.75 30.10
CA VAL C 568 26.89 -18.18 30.20
C VAL C 568 26.62 -18.86 28.87
N ASP C 569 27.59 -19.65 28.40
CA ASP C 569 27.49 -20.35 27.13
C ASP C 569 26.93 -21.75 27.40
N TRP C 570 25.62 -21.88 27.23
CA TRP C 570 24.95 -23.17 27.41
C TRP C 570 25.01 -24.05 26.17
N THR C 571 25.49 -23.54 25.04
CA THR C 571 25.56 -24.34 23.82
C THR C 571 26.52 -25.51 24.00
N ALA C 572 27.66 -25.28 24.65
CA ALA C 572 28.62 -26.36 24.87
C ALA C 572 28.10 -27.39 25.86
N TYR C 573 27.22 -26.98 26.78
CA TYR C 573 26.67 -27.92 27.76
C TYR C 573 25.82 -28.98 27.07
N PHE C 574 25.00 -28.59 26.11
CA PHE C 574 24.14 -29.53 25.39
C PHE C 574 24.82 -30.01 24.11
N ALA C 579 21.26 -31.58 19.34
CA ALA C 579 19.83 -31.82 19.52
C ALA C 579 19.02 -31.15 18.42
N ALA C 580 17.71 -31.39 18.43
CA ALA C 580 16.81 -30.81 17.44
C ALA C 580 16.00 -29.67 18.05
N ARG C 581 15.84 -28.61 17.27
CA ARG C 581 15.09 -27.44 17.74
C ARG C 581 13.61 -27.76 17.80
N VAL C 582 12.96 -27.34 18.89
CA VAL C 582 11.53 -27.57 19.09
C VAL C 582 10.88 -26.24 19.46
N GLU C 583 9.58 -26.15 19.20
CA GLU C 583 8.84 -24.93 19.50
C GLU C 583 8.67 -24.75 21.00
N LEU C 584 8.63 -23.50 21.43
CA LEU C 584 8.45 -23.11 22.82
C LEU C 584 7.40 -22.02 22.90
N PRO C 585 6.73 -21.89 24.05
CA PRO C 585 5.77 -20.80 24.21
C PRO C 585 6.43 -19.44 24.11
N THR C 586 5.69 -18.48 23.58
CA THR C 586 6.21 -17.14 23.33
C THR C 586 6.32 -16.35 24.63
N TYR C 587 6.72 -15.09 24.51
CA TYR C 587 6.90 -14.23 25.66
C TYR C 587 5.56 -13.89 26.30
N ALA C 588 5.59 -13.66 27.62
CA ALA C 588 4.41 -13.29 28.39
C ALA C 588 4.40 -11.78 28.57
N PHE C 589 3.52 -11.11 27.84
CA PHE C 589 3.45 -9.66 27.87
C PHE C 589 2.68 -9.17 29.09
N GLN C 590 3.22 -8.15 29.76
CA GLN C 590 2.55 -7.49 30.87
C GLN C 590 1.86 -6.25 30.29
N ARG C 591 0.57 -6.38 30.02
CA ARG C 591 -0.19 -5.36 29.30
C ARG C 591 -0.85 -4.40 30.28
N SER C 592 -0.73 -3.10 30.00
CA SER C 592 -1.36 -2.06 30.79
C SER C 592 -2.28 -1.24 29.90
N ARG C 593 -3.34 -0.69 30.51
CA ARG C 593 -4.34 0.06 29.76
C ARG C 593 -3.73 1.33 29.18
N HIS C 594 -4.00 1.57 27.89
CA HIS C 594 -3.53 2.76 27.21
C HIS C 594 -4.61 3.22 26.24
N TRP C 595 -5.21 4.37 26.50
CA TRP C 595 -6.28 4.89 25.67
C TRP C 595 -6.27 6.41 25.71
N LEU C 596 -6.87 7.02 24.70
CA LEU C 596 -6.96 8.47 24.62
C LEU C 596 -8.05 8.99 25.55
N GLU C 597 -7.86 10.22 26.01
CA GLU C 597 -8.83 10.87 26.89
C GLU C 597 -8.68 12.38 26.85
N GLU D 18 16.88 11.47 44.65
CA GLU D 18 15.42 11.51 44.54
C GLU D 18 14.97 12.41 43.40
N THR D 19 15.94 13.07 42.78
CA THR D 19 15.65 13.97 41.66
C THR D 19 15.50 13.24 40.33
N VAL D 20 15.75 11.94 40.29
CA VAL D 20 15.63 11.15 39.08
C VAL D 20 14.38 10.26 39.12
N ARG D 21 14.09 9.66 40.27
CA ARG D 21 12.85 8.91 40.43
C ARG D 21 11.65 9.84 40.26
N GLN D 22 11.72 11.03 40.85
CA GLN D 22 10.74 12.07 40.62
C GLN D 22 11.25 13.02 39.55
N LEU D 23 10.33 13.86 39.05
CA LEU D 23 10.63 14.91 38.07
C LEU D 23 10.93 14.32 36.70
N THR D 24 11.00 12.99 36.61
CA THR D 24 11.21 12.30 35.34
C THR D 24 10.13 11.28 35.03
N ALA D 25 9.58 10.60 36.03
CA ALA D 25 8.47 9.68 35.78
C ALA D 25 7.24 10.42 35.31
N HIS D 26 6.99 11.61 35.87
CA HIS D 26 5.86 12.43 35.42
C HIS D 26 6.03 12.84 33.95
N VAL D 27 7.26 13.13 33.55
CA VAL D 27 7.52 13.47 32.15
C VAL D 27 7.17 12.30 31.24
N LEU D 28 7.58 11.09 31.62
CA LEU D 28 7.21 9.91 30.85
C LEU D 28 5.73 9.57 30.97
N GLY D 29 5.06 10.08 31.99
CA GLY D 29 3.65 9.82 32.19
C GLY D 29 3.31 8.69 33.13
N LEU D 30 4.30 8.14 33.84
CA LEU D 30 4.04 7.06 34.77
C LEU D 30 3.33 7.58 36.01
N THR D 31 2.59 6.68 36.67
CA THR D 31 1.82 7.05 37.85
C THR D 31 2.67 7.05 39.12
N ALA D 32 3.53 6.06 39.29
CA ALA D 32 4.36 5.93 40.48
C ALA D 32 5.82 6.15 40.13
N ALA D 33 6.53 6.88 40.99
CA ALA D 33 7.95 7.15 40.78
C ALA D 33 8.82 5.92 40.95
N ALA D 34 8.30 4.84 41.54
CA ALA D 34 9.08 3.63 41.73
C ALA D 34 9.10 2.73 40.51
N ASP D 35 8.39 3.09 39.44
CA ASP D 35 8.33 2.28 38.23
C ASP D 35 9.49 2.54 37.28
N VAL D 36 10.39 3.46 37.61
CA VAL D 36 11.55 3.77 36.77
C VAL D 36 12.75 3.01 37.30
N GLU D 37 13.62 2.58 36.38
CA GLU D 37 14.82 1.83 36.72
C GLU D 37 16.03 2.56 36.15
N MET D 38 17.04 2.77 37.00
CA MET D 38 18.27 3.43 36.59
C MET D 38 19.26 2.43 35.98
N THR D 39 18.79 1.65 35.01
CA THR D 39 19.63 0.66 34.34
C THR D 39 19.53 0.71 32.83
N ARG D 40 18.45 1.23 32.27
CA ARG D 40 18.28 1.32 30.83
C ARG D 40 18.61 2.74 30.35
N SER D 41 18.99 2.83 29.08
CA SER D 41 19.34 4.12 28.50
C SER D 41 18.10 4.98 28.35
N PHE D 42 18.32 6.28 28.13
CA PHE D 42 17.21 7.21 27.95
C PHE D 42 16.41 6.86 26.69
N LYS D 43 17.10 6.50 25.62
CA LYS D 43 16.39 6.08 24.41
C LYS D 43 15.58 4.82 24.64
N ASP D 44 16.12 3.89 25.43
CA ASP D 44 15.39 2.66 25.77
C ASP D 44 14.15 2.93 26.60
N LEU D 45 14.05 4.10 27.24
CA LEU D 45 12.87 4.46 28.02
C LEU D 45 11.85 5.23 27.18
N GLY D 46 12.14 5.51 25.92
CA GLY D 46 11.21 6.24 25.07
C GLY D 46 11.42 7.74 25.12
N PHE D 47 12.65 8.18 24.90
CA PHE D 47 13.01 9.60 24.95
C PHE D 47 13.47 10.05 23.58
N ASP D 48 12.86 11.12 23.06
CA ASP D 48 13.26 11.75 21.82
C ASP D 48 13.82 13.14 22.11
N SER D 49 14.09 13.89 21.03
CA SER D 49 14.69 15.22 21.19
C SER D 49 13.78 16.16 21.97
N LEU D 50 12.48 16.15 21.66
CA LEU D 50 11.55 17.03 22.37
C LEU D 50 11.46 16.69 23.85
N MET D 51 11.35 15.40 24.17
CA MET D 51 11.32 14.99 25.57
C MET D 51 12.64 15.26 26.27
N SER D 52 13.77 15.12 25.56
CA SER D 52 15.05 15.45 26.16
C SER D 52 15.13 16.94 26.49
N VAL D 53 14.67 17.79 25.58
CA VAL D 53 14.66 19.23 25.83
C VAL D 53 13.76 19.56 27.01
N GLU D 54 12.57 18.95 27.05
CA GLU D 54 11.65 19.20 28.16
C GLU D 54 12.25 18.75 29.48
N LEU D 55 12.90 17.59 29.50
CA LEU D 55 13.53 17.09 30.72
C LEU D 55 14.66 18.01 31.18
N ARG D 56 15.48 18.50 30.23
CA ARG D 56 16.54 19.43 30.60
C ARG D 56 15.96 20.72 31.16
N ASP D 57 14.90 21.25 30.54
CA ASP D 57 14.29 22.48 31.03
C ASP D 57 13.70 22.29 32.42
N ARG D 58 13.05 21.14 32.66
CA ARG D 58 12.45 20.89 33.96
C ARG D 58 13.52 20.70 35.04
N LEU D 59 14.61 20.00 34.69
CA LEU D 59 15.66 19.76 35.67
C LEU D 59 16.48 21.02 35.95
N CYS D 60 16.50 21.96 35.00
CA CYS D 60 17.24 23.21 35.22
C CYS D 60 16.64 24.01 36.37
N ALA D 61 15.33 23.92 36.57
CA ALA D 61 14.69 24.65 37.67
C ALA D 61 15.04 24.05 39.03
N ALA D 62 15.49 22.80 39.07
CA ALA D 62 15.83 22.15 40.33
C ALA D 62 17.07 21.27 40.17
N THR D 70 22.71 19.28 25.68
CA THR D 70 23.05 17.92 25.25
C THR D 70 23.63 17.12 26.40
N LEU D 71 23.26 17.48 27.63
CA LEU D 71 23.76 16.76 28.80
C LEU D 71 23.22 15.34 28.87
N LEU D 72 22.02 15.11 28.32
CA LEU D 72 21.47 13.76 28.33
C LEU D 72 22.27 12.83 27.41
N TYR D 73 22.71 13.34 26.25
CA TYR D 73 23.51 12.52 25.36
C TYR D 73 24.89 12.22 25.93
N ASP D 74 25.44 13.14 26.72
CA ASP D 74 26.73 12.90 27.35
C ASP D 74 26.65 11.74 28.34
N HIS D 75 25.58 11.68 29.13
CA HIS D 75 25.35 10.61 30.09
C HIS D 75 23.97 10.03 29.82
N PRO D 76 23.87 9.02 28.96
CA PRO D 76 22.57 8.47 28.57
C PRO D 76 21.92 7.57 29.59
N SER D 77 22.41 7.52 30.83
CA SER D 77 21.82 6.67 31.84
C SER D 77 21.33 7.51 33.02
N PRO D 78 20.12 7.23 33.53
CA PRO D 78 19.64 7.97 34.71
C PRO D 78 20.52 7.83 35.93
N ALA D 79 21.17 6.69 36.10
CA ALA D 79 22.06 6.50 37.25
C ALA D 79 23.24 7.45 37.21
N GLU D 80 23.82 7.66 36.02
CA GLU D 80 24.93 8.59 35.89
C GLU D 80 24.50 10.02 36.21
N THR D 81 23.32 10.43 35.74
CA THR D 81 22.81 11.76 36.05
C THR D 81 22.43 11.91 37.51
N ALA D 82 22.10 10.81 38.19
CA ALA D 82 21.70 10.89 39.60
C ALA D 82 22.85 11.39 40.47
N GLU D 83 24.07 10.92 40.19
CA GLU D 83 25.23 11.31 41.00
C GLU D 83 25.61 12.78 40.80
N PHE D 84 25.09 13.44 39.78
CA PHE D 84 25.43 14.84 39.53
C PHE D 84 24.67 15.80 40.43
N VAL D 85 23.61 15.35 41.09
CA VAL D 85 22.82 16.21 41.98
C VAL D 85 22.67 15.56 43.34
OAG 9EF E . -26.56 -3.10 -6.26
PAW 9EF E . -25.96 -4.25 -7.04
OAH 9EF E . -24.86 -3.72 -7.93
OAR 9EF E . -25.29 -5.27 -5.98
CAN 9EF E . -24.31 -4.83 -5.06
CAX 9EF E . -23.92 -5.98 -4.15
CAB 9EF E . -25.17 -6.53 -3.49
CAC 9EF E . -22.94 -5.49 -3.09
CAV 9EF E . -23.27 -7.06 -5.00
OAI 9EF E . -22.35 -6.47 -5.93
CAU 9EF E . -22.52 -8.06 -4.15
OAF 9EF E . -23.12 -8.91 -3.51
NAQ 9EF E . -21.19 -7.97 -4.16
CAL 9EF E . -20.25 -8.80 -3.43
CAM 9EF E . -20.33 -8.30 -1.99
CAT 9EF E . -19.25 -8.97 -1.17
OAE 9EF E . -18.69 -9.98 -1.58
NAP 9EF E . -18.98 -8.41 0.00
CAK 9EF E . -18.01 -8.84 1.01
CAJ 9EF E . -16.63 -8.60 0.37
NAO 9EF E . -15.92 -7.74 1.30
CAS 9EF E . -14.68 -7.29 1.17
OAD 9EF E . -13.98 -7.55 0.20
CAA 9EF E . -14.19 -6.41 2.29
OAG 9EF F . 12.54 15.99 18.52
PAW 9EF F . 13.72 15.49 17.72
OAH 9EF F . 13.71 13.98 17.71
OAR 9EF F . 13.55 16.00 16.20
CAN 9EF F . 12.38 15.66 15.46
CAX 9EF F . 12.43 16.35 14.09
CAB 9EF F . 12.62 17.83 14.30
CAC 9EF F . 11.14 16.08 13.33
CAV 9EF F . 13.62 15.78 13.32
OAI 9EF F . 13.68 14.36 13.51
CAU 9EF F . 13.52 16.08 11.85
OAF 9EF F . 13.72 17.20 11.42
NAQ 9EF F . 13.20 15.05 11.06
CAL 9EF F . 13.04 15.08 9.60
CAM 9EF F . 11.68 15.74 9.37
CAT 9EF F . 11.43 15.86 7.89
OAE 9EF F . 12.34 15.64 7.10
NAP 9EF F . 10.20 16.20 7.52
CAK 9EF F . 9.70 16.39 6.17
CAJ 9EF F . 9.66 14.98 5.57
NAO 9EF F . 8.25 14.72 5.28
CAS 9EF F . 7.72 13.55 4.94
OAD 9EF F . 8.39 12.55 4.82
CAA 9EF F . 6.23 13.56 4.70
#